data_4R4U
#
_entry.id   4R4U
#
_cell.length_a   50.976
_cell.length_b   171.369
_cell.length_c   73.656
_cell.angle_alpha   90.00
_cell.angle_beta   109.51
_cell.angle_gamma   90.00
#
_symmetry.space_group_name_H-M   'P 1 21 1'
#
loop_
_entity.id
_entity.type
_entity.pdbx_description
1 polymer 'Acyl-CoA thioesterase II'
2 non-polymer 'SODIUM ION'
3 non-polymer 'COENZYME A'
4 non-polymer 'MALONIC ACID'
5 water water
#
_entity_poly.entity_id   1
_entity_poly.type   'polypeptide(L)'
_entity_poly.pdbx_seq_one_letter_code
;SNAMSQALEKLLDLLDLEKIEEGIFRGQSEDLGLRQVFGGQVVGQAIYAAKQTVPAERTVHSFHSYFLRPGDSSKPIIYD
VETLRDGNSFSARRVSAIQNGKPIFYMTASFQSQEEGFEHQNTMPDVPPPEGLMSETDIARQFSHLIPEKVREKFIGPQP
IEMRPVKFHNPLQGSVEEPNRYVWFRANGKMPDDLRVHQYLLGYASDFNFLPTALQPHGIGFLEPGMQIATIDHSMWFHR
PFRLDDWLLYAVESTSASGARGFVRGQIYNREGVLVASTVQEGVIRLHR
;
_entity_poly.pdbx_strand_id   A,D,C,B
#
# COMPACT_ATOMS: atom_id res chain seq x y z
N SER A 5 -9.20 -38.32 16.21
CA SER A 5 -8.85 -38.06 14.79
C SER A 5 -9.86 -37.16 14.11
N GLN A 6 -11.13 -37.17 14.49
CA GLN A 6 -12.06 -36.21 13.89
C GLN A 6 -11.67 -34.76 14.22
N ALA A 7 -11.36 -34.50 15.49
CA ALA A 7 -10.90 -33.18 15.93
C ALA A 7 -9.68 -32.74 15.11
N LEU A 8 -8.72 -33.62 14.94
CA LEU A 8 -7.54 -33.30 14.16
C LEU A 8 -7.85 -33.01 12.68
N GLU A 9 -8.70 -33.82 12.09
CA GLU A 9 -9.07 -33.66 10.70
C GLU A 9 -9.82 -32.34 10.46
N LYS A 10 -10.72 -31.99 11.36
CA LYS A 10 -11.41 -30.71 11.31
C LYS A 10 -10.40 -29.56 11.32
N LEU A 11 -9.48 -29.56 12.30
CA LEU A 11 -8.42 -28.54 12.37
C LEU A 11 -7.60 -28.47 11.07
N LEU A 12 -7.06 -29.59 10.60
CA LEU A 12 -6.28 -29.63 9.36
C LEU A 12 -7.02 -29.09 8.19
N ASP A 13 -8.29 -29.42 8.08
CA ASP A 13 -9.12 -28.91 7.02
C ASP A 13 -9.27 -27.37 7.11
N LEU A 14 -9.35 -26.86 8.34
CA LEU A 14 -9.42 -25.45 8.62
C LEU A 14 -8.14 -24.68 8.26
N LEU A 15 -6.99 -25.29 8.42
CA LEU A 15 -5.73 -24.67 8.06
C LEU A 15 -5.41 -24.88 6.58
N ASP A 16 -6.19 -25.72 5.87
CA ASP A 16 -6.10 -25.80 4.40
C ASP A 16 -7.01 -24.71 3.82
N LEU A 17 -6.43 -23.60 3.40
CA LEU A 17 -7.25 -22.41 3.08
C LEU A 17 -7.87 -22.40 1.67
N GLU A 18 -8.96 -21.68 1.55
CA GLU A 18 -9.59 -21.51 0.28
C GLU A 18 -8.82 -20.47 -0.50
N LYS A 19 -8.46 -20.77 -1.74
CA LYS A 19 -7.79 -19.80 -2.63
C LYS A 19 -8.81 -18.91 -3.35
N ILE A 20 -8.65 -17.57 -3.24
CA ILE A 20 -9.47 -16.59 -3.93
C ILE A 20 -8.73 -16.07 -5.18
N GLU A 21 -7.43 -15.83 -5.06
CA GLU A 21 -6.61 -15.40 -6.19
C GLU A 21 -5.18 -15.58 -5.70
N GLU A 22 -4.18 -15.28 -6.55
CA GLU A 22 -2.80 -15.29 -6.13
C GLU A 22 -2.64 -14.47 -4.82
N GLY A 23 -2.15 -15.10 -3.79
CA GLY A 23 -1.94 -14.42 -2.51
C GLY A 23 -3.16 -13.82 -1.86
N ILE A 24 -4.35 -14.38 -2.13
CA ILE A 24 -5.54 -13.98 -1.42
C ILE A 24 -6.23 -15.24 -1.02
N PHE A 25 -6.36 -15.49 0.30
CA PHE A 25 -7.01 -16.71 0.78
C PHE A 25 -8.09 -16.40 1.79
N ARG A 26 -8.99 -17.37 1.97
CA ARG A 26 -10.12 -17.24 2.89
C ARG A 26 -10.11 -18.45 3.77
N GLY A 27 -10.11 -18.18 5.08
CA GLY A 27 -10.17 -19.22 6.06
C GLY A 27 -11.39 -19.10 6.94
N GLN A 28 -11.97 -20.24 7.27
CA GLN A 28 -13.08 -20.36 8.22
C GLN A 28 -12.50 -20.46 9.62
N SER A 29 -13.33 -20.32 10.64
CA SER A 29 -12.85 -20.34 12.01
C SER A 29 -13.38 -21.56 12.80
N GLU A 30 -12.71 -21.87 13.91
CA GLU A 30 -13.09 -23.01 14.77
C GLU A 30 -14.47 -22.76 15.40
N ASP A 31 -14.84 -21.48 15.54
CA ASP A 31 -16.16 -21.00 16.03
C ASP A 31 -16.29 -20.94 17.56
N LEU A 32 -15.38 -21.61 18.27
CA LEU A 32 -15.60 -21.95 19.68
C LEU A 32 -14.49 -21.38 20.57
N GLN A 36 -14.28 -14.99 20.37
CA GLN A 36 -13.11 -14.58 19.60
C GLN A 36 -12.24 -15.75 19.10
N VAL A 37 -11.48 -15.50 18.04
CA VAL A 37 -10.70 -16.57 17.42
C VAL A 37 -9.43 -16.84 18.22
N PHE A 38 -9.03 -18.11 18.28
CA PHE A 38 -7.75 -18.52 18.89
C PHE A 38 -6.52 -18.00 18.11
N GLY A 39 -5.58 -17.38 18.81
CA GLY A 39 -4.34 -16.87 18.20
C GLY A 39 -3.70 -17.87 17.28
N GLY A 40 -3.54 -19.10 17.79
CA GLY A 40 -3.00 -20.22 17.01
C GLY A 40 -3.63 -20.49 15.66
N GLN A 41 -4.95 -20.35 15.54
CA GLN A 41 -5.63 -20.54 14.27
C GLN A 41 -5.18 -19.53 13.27
N VAL A 42 -5.11 -18.28 13.71
CA VAL A 42 -4.67 -17.22 12.81
C VAL A 42 -3.23 -17.41 12.33
N VAL A 43 -2.36 -17.74 13.28
CA VAL A 43 -0.98 -18.04 12.97
C VAL A 43 -0.87 -19.19 11.95
N GLY A 44 -1.57 -20.28 12.19
CA GLY A 44 -1.44 -21.45 11.35
C GLY A 44 -1.95 -21.11 9.94
N GLN A 45 -3.07 -20.45 9.91
CA GLN A 45 -3.65 -20.06 8.62
C GLN A 45 -2.73 -19.05 7.91
N ALA A 46 -2.17 -18.11 8.64
CA ALA A 46 -1.26 -17.18 8.02
C ALA A 46 -0.08 -17.89 7.42
N ILE A 47 0.51 -18.84 8.15
CA ILE A 47 1.62 -19.56 7.57
C ILE A 47 1.18 -20.25 6.28
N TYR A 48 0.00 -20.88 6.26
CA TYR A 48 -0.46 -21.56 5.07
C TYR A 48 -0.51 -20.59 3.92
N ALA A 49 -1.14 -19.44 4.15
CA ALA A 49 -1.30 -18.43 3.13
C ALA A 49 0.03 -18.01 2.52
N ALA A 50 0.97 -17.66 3.39
CA ALA A 50 2.26 -17.16 2.90
C ALA A 50 2.99 -18.25 2.11
N LYS A 51 2.95 -19.49 2.60
CA LYS A 51 3.67 -20.58 1.96
C LYS A 51 3.14 -20.88 0.57
N GLN A 52 1.88 -20.61 0.30
CA GLN A 52 1.37 -20.83 -1.04
C GLN A 52 2.04 -19.91 -2.07
N THR A 53 2.60 -18.76 -1.66
CA THR A 53 3.13 -17.77 -2.59
C THR A 53 4.60 -17.89 -2.82
N VAL A 54 5.20 -18.93 -2.27
CA VAL A 54 6.67 -19.06 -2.23
C VAL A 54 7.01 -20.34 -3.00
N PRO A 55 8.18 -20.40 -3.65
CA PRO A 55 8.62 -21.63 -4.32
C PRO A 55 8.47 -22.85 -3.42
N ALA A 56 8.07 -23.99 -3.99
CA ALA A 56 7.76 -25.16 -3.21
C ALA A 56 8.89 -25.62 -2.30
N GLU A 57 10.13 -25.36 -2.70
CA GLU A 57 11.29 -25.83 -1.93
C GLU A 57 11.63 -24.98 -0.72
N ARG A 58 11.24 -23.72 -0.75
CA ARG A 58 11.61 -22.82 0.30
C ARG A 58 10.57 -22.92 1.43
N THR A 59 10.96 -23.52 2.54
CA THR A 59 10.03 -23.74 3.67
C THR A 59 10.26 -22.73 4.77
N VAL A 60 9.24 -22.52 5.57
CA VAL A 60 9.31 -21.42 6.54
C VAL A 60 10.47 -21.64 7.46
N HIS A 61 11.26 -20.60 7.75
CA HIS A 61 12.20 -20.72 8.87
C HIS A 61 11.96 -19.73 9.99
N SER A 62 11.16 -18.69 9.77
CA SER A 62 10.88 -17.74 10.84
C SER A 62 9.69 -16.87 10.53
N PHE A 63 9.01 -16.40 11.59
CA PHE A 63 8.03 -15.33 11.43
C PHE A 63 7.90 -14.45 12.62
N HIS A 64 7.37 -13.26 12.40
CA HIS A 64 7.00 -12.36 13.42
C HIS A 64 5.58 -11.92 13.15
N SER A 65 4.81 -11.71 14.21
CA SER A 65 3.43 -11.26 14.08
C SER A 65 3.01 -10.36 15.21
N TYR A 66 2.14 -9.41 14.87
CA TYR A 66 1.38 -8.66 15.86
C TYR A 66 -0.13 -8.96 15.77
N PHE A 67 -0.78 -9.11 16.94
CA PHE A 67 -2.24 -9.28 17.02
C PHE A 67 -2.90 -7.94 17.38
N LEU A 68 -3.59 -7.32 16.41
CA LEU A 68 -4.12 -5.99 16.59
C LEU A 68 -5.52 -5.97 17.13
N ARG A 69 -6.34 -6.94 16.70
CA ARG A 69 -7.74 -6.99 17.08
C ARG A 69 -8.19 -8.43 17.26
N PRO A 70 -9.23 -8.66 18.10
CA PRO A 70 -9.83 -9.96 18.23
C PRO A 70 -10.44 -10.43 16.91
N GLY A 71 -10.40 -11.69 16.63
CA GLY A 71 -11.11 -12.17 15.47
C GLY A 71 -12.53 -12.59 15.86
N ASP A 72 -13.46 -12.37 14.95
CA ASP A 72 -14.82 -12.79 15.11
C ASP A 72 -14.94 -14.22 14.58
N SER A 73 -15.13 -15.18 15.48
CA SER A 73 -15.19 -16.58 15.15
C SER A 73 -16.39 -16.98 14.33
N SER A 74 -17.33 -16.06 14.15
CA SER A 74 -18.51 -16.36 13.39
C SER A 74 -18.35 -15.96 11.92
N LYS A 75 -17.19 -15.42 11.55
CA LYS A 75 -17.02 -14.87 10.22
C LYS A 75 -15.76 -15.35 9.59
N PRO A 76 -15.73 -15.40 8.25
CA PRO A 76 -14.51 -15.81 7.59
C PRO A 76 -13.36 -14.82 7.85
N ILE A 77 -12.13 -15.26 7.68
CA ILE A 77 -10.97 -14.35 7.69
C ILE A 77 -10.31 -14.33 6.29
N ILE A 78 -10.12 -13.17 5.72
CA ILE A 78 -9.28 -13.08 4.50
C ILE A 78 -7.78 -12.83 4.82
N TYR A 79 -6.91 -13.60 4.19
CA TYR A 79 -5.49 -13.44 4.30
C TYR A 79 -4.93 -12.91 3.00
N ASP A 80 -4.49 -11.66 3.05
CA ASP A 80 -3.81 -11.03 1.95
C ASP A 80 -2.32 -11.28 2.05
N VAL A 81 -1.68 -11.70 0.94
CA VAL A 81 -0.26 -12.00 0.99
C VAL A 81 0.54 -11.09 0.04
N GLU A 82 1.37 -10.26 0.66
CA GLU A 82 2.27 -9.33 -0.04
C GLU A 82 3.63 -9.96 -0.22
N THR A 83 4.05 -10.00 -1.48
CA THR A 83 5.41 -10.39 -1.86
C THR A 83 6.43 -9.29 -1.58
N LEU A 84 7.36 -9.56 -0.67
CA LEU A 84 8.31 -8.54 -0.26
C LEU A 84 9.64 -8.62 -1.02
N ARG A 85 10.13 -9.82 -1.19
CA ARG A 85 11.44 -10.07 -1.76
C ARG A 85 11.58 -11.55 -2.04
N ASP A 86 12.02 -11.90 -3.25
CA ASP A 86 12.52 -13.22 -3.56
C ASP A 86 14.02 -13.16 -3.94
N GLY A 87 14.90 -13.41 -2.97
CA GLY A 87 16.35 -13.42 -3.25
C GLY A 87 16.91 -14.76 -3.71
N ASN A 88 18.24 -14.86 -3.67
CA ASN A 88 18.93 -16.09 -4.05
C ASN A 88 18.59 -17.26 -3.15
N SER A 89 18.41 -16.97 -1.86
CA SER A 89 18.06 -17.99 -0.88
C SER A 89 16.72 -17.74 -0.22
N PHE A 90 16.51 -16.50 0.24
CA PHE A 90 15.32 -16.14 1.03
C PHE A 90 14.15 -15.48 0.28
N SER A 91 12.94 -15.95 0.59
CA SER A 91 11.70 -15.32 0.17
C SER A 91 10.94 -14.82 1.40
N ALA A 92 10.65 -13.51 1.47
CA ALA A 92 9.88 -12.93 2.53
C ALA A 92 8.47 -12.52 2.05
N ARG A 93 7.48 -12.68 2.95
CA ARG A 93 6.07 -12.40 2.71
C ARG A 93 5.40 -11.71 3.89
N ARG A 94 4.53 -10.75 3.64
CA ARG A 94 3.67 -10.21 4.68
C ARG A 94 2.17 -10.60 4.55
N VAL A 95 1.69 -11.37 5.50
CA VAL A 95 0.27 -11.77 5.58
C VAL A 95 -0.51 -10.78 6.43
N SER A 96 -1.56 -10.20 5.84
CA SER A 96 -2.50 -9.39 6.52
C SER A 96 -3.81 -10.22 6.72
N ALA A 97 -4.23 -10.46 7.95
CA ALA A 97 -5.52 -11.16 8.21
C ALA A 97 -6.56 -10.09 8.42
N ILE A 98 -7.59 -10.13 7.57
CA ILE A 98 -8.59 -9.06 7.47
C ILE A 98 -10.01 -9.58 7.74
N GLN A 99 -10.75 -8.84 8.57
CA GLN A 99 -12.17 -9.08 8.83
C GLN A 99 -12.90 -7.76 8.92
N ASN A 100 -14.03 -7.69 8.25
CA ASN A 100 -14.86 -6.52 8.25
C ASN A 100 -14.06 -5.30 7.85
N GLY A 101 -13.23 -5.46 6.85
CA GLY A 101 -12.41 -4.37 6.36
C GLY A 101 -11.26 -3.86 7.22
N LYS A 102 -11.02 -4.48 8.37
CA LYS A 102 -9.95 -4.08 9.26
C LYS A 102 -8.97 -5.22 9.37
N PRO A 103 -7.67 -4.90 9.47
CA PRO A 103 -6.66 -5.89 9.79
C PRO A 103 -6.71 -6.26 11.29
N ILE A 104 -6.71 -7.55 11.57
CA ILE A 104 -6.79 -8.06 12.94
C ILE A 104 -5.43 -8.59 13.38
N PHE A 105 -4.53 -8.73 12.41
CA PHE A 105 -3.27 -9.44 12.57
C PHE A 105 -2.41 -9.27 11.34
N TYR A 106 -1.13 -9.01 11.57
CA TYR A 106 -0.13 -9.02 10.53
C TYR A 106 0.98 -10.02 10.90
N MET A 107 1.47 -10.73 9.90
CA MET A 107 2.64 -11.59 10.04
C MET A 107 3.60 -11.30 8.89
N THR A 108 4.88 -11.13 9.20
CA THR A 108 5.91 -11.32 8.17
C THR A 108 6.66 -12.64 8.36
N ALA A 109 6.87 -13.36 7.26
CA ALA A 109 7.49 -14.67 7.31
C ALA A 109 8.59 -14.84 6.30
N SER A 110 9.52 -15.73 6.61
CA SER A 110 10.72 -15.88 5.75
C SER A 110 10.95 -17.33 5.52
N PHE A 111 11.23 -17.65 4.26
CA PHE A 111 11.35 -18.99 3.76
C PHE A 111 12.73 -19.19 3.12
N GLN A 112 13.33 -20.34 3.32
CA GLN A 112 14.69 -20.53 2.82
C GLN A 112 14.81 -21.84 2.14
N SER A 113 15.68 -21.80 1.15
CA SER A 113 16.08 -22.95 0.40
C SER A 113 16.90 -23.85 1.33
N GLN A 114 16.51 -25.12 1.43
CA GLN A 114 17.25 -26.03 2.24
C GLN A 114 18.74 -26.03 1.81
N GLU A 115 19.60 -26.20 2.81
CA GLU A 115 20.98 -26.51 2.56
C GLU A 115 21.68 -26.84 3.89
N GLU A 116 22.54 -27.86 3.85
CA GLU A 116 23.38 -28.20 4.99
C GLU A 116 24.35 -27.06 5.35
N GLY A 117 24.55 -26.87 6.66
CA GLY A 117 25.45 -25.87 7.20
C GLY A 117 25.88 -26.22 8.61
N PHE A 118 26.46 -25.24 9.27
CA PHE A 118 26.88 -25.37 10.66
C PHE A 118 25.76 -25.87 11.56
N GLU A 119 26.11 -26.76 12.49
CA GLU A 119 25.14 -27.47 13.30
C GLU A 119 25.55 -27.39 14.77
N HIS A 120 24.67 -26.81 15.61
CA HIS A 120 24.76 -26.90 17.06
C HIS A 120 23.42 -26.54 17.72
N GLN A 121 23.28 -26.90 18.98
CA GLN A 121 22.05 -26.65 19.75
C GLN A 121 22.27 -26.86 21.20
N ASN A 122 21.42 -26.25 22.01
CA ASN A 122 21.48 -26.46 23.47
C ASN A 122 20.86 -27.78 23.81
N THR A 123 20.59 -28.02 25.09
CA THR A 123 20.10 -29.33 25.60
C THR A 123 18.64 -29.38 26.08
N MET A 124 17.94 -30.44 25.72
CA MET A 124 16.53 -30.55 26.13
C MET A 124 16.44 -30.67 27.66
N PRO A 125 15.62 -29.84 28.31
CA PRO A 125 15.62 -29.95 29.77
C PRO A 125 15.26 -31.35 30.25
N ASP A 126 15.73 -31.70 31.44
CA ASP A 126 15.44 -33.02 32.07
C ASP A 126 14.03 -33.06 32.66
N VAL A 127 13.13 -33.84 32.05
CA VAL A 127 11.75 -33.90 32.53
C VAL A 127 11.18 -35.32 32.45
N PRO A 128 10.09 -35.60 33.19
CA PRO A 128 9.44 -36.91 33.09
C PRO A 128 8.84 -37.21 31.71
N PRO A 129 8.98 -38.45 31.26
CA PRO A 129 8.44 -38.79 29.94
C PRO A 129 6.89 -38.69 29.83
N PRO A 130 6.36 -38.70 28.60
CA PRO A 130 4.93 -38.51 28.53
C PRO A 130 4.15 -39.76 28.90
N GLU A 131 4.76 -40.95 28.86
CA GLU A 131 3.99 -42.17 29.20
C GLU A 131 3.50 -42.19 30.64
N GLY A 132 4.20 -41.50 31.53
CA GLY A 132 3.78 -41.37 32.94
C GLY A 132 2.92 -40.16 33.31
N LEU A 133 2.40 -39.41 32.34
CA LEU A 133 1.59 -38.22 32.68
C LEU A 133 0.19 -38.27 32.13
N MET A 134 -0.73 -37.68 32.90
CA MET A 134 -2.11 -37.54 32.46
C MET A 134 -2.20 -36.45 31.38
N SER A 135 -3.25 -36.55 30.60
CA SER A 135 -3.58 -35.57 29.58
C SER A 135 -4.37 -34.44 30.22
N GLU A 136 -4.26 -33.28 29.60
CA GLU A 136 -5.00 -32.08 30.04
C GLU A 136 -6.53 -32.28 30.07
N THR A 137 -7.06 -33.02 29.12
CA THR A 137 -8.49 -33.27 29.10
C THR A 137 -8.96 -34.21 30.20
N ASP A 138 -8.09 -35.13 30.67
CA ASP A 138 -8.43 -36.02 31.78
C ASP A 138 -8.42 -35.26 33.09
N ILE A 139 -7.41 -34.43 33.28
CA ILE A 139 -7.29 -33.60 34.48
C ILE A 139 -8.42 -32.57 34.54
N ALA A 140 -8.85 -32.08 33.39
CA ALA A 140 -9.83 -31.00 33.38
C ALA A 140 -11.18 -31.47 33.92
N ARG A 141 -11.56 -32.73 33.69
CA ARG A 141 -12.87 -33.24 34.10
C ARG A 141 -13.23 -32.82 35.51
N GLN A 142 -12.24 -32.89 36.40
CA GLN A 142 -12.42 -32.49 37.78
C GLN A 142 -12.93 -31.04 37.98
N PHE A 143 -12.85 -30.20 36.93
CA PHE A 143 -13.09 -28.74 37.06
C PHE A 143 -14.12 -28.18 36.09
N PRO A 148 -16.27 -24.21 36.45
CA PRO A 148 -16.28 -25.66 36.39
C PRO A 148 -17.43 -26.23 35.56
N GLU A 149 -17.72 -25.60 34.43
CA GLU A 149 -16.80 -24.63 33.78
C GLU A 149 -17.51 -23.37 33.24
N LYS A 150 -16.72 -22.35 32.92
CA LYS A 150 -17.20 -21.13 32.28
C LYS A 150 -18.13 -21.35 31.07
N VAL A 151 -17.77 -22.29 30.21
CA VAL A 151 -18.44 -22.60 28.90
C VAL A 151 -17.54 -22.20 27.71
N ARG A 152 -16.30 -21.77 28.03
CA ARG A 152 -15.18 -21.83 27.09
C ARG A 152 -14.52 -23.21 27.27
N GLU A 153 -15.22 -24.26 26.81
CA GLU A 153 -14.82 -25.65 27.07
C GLU A 153 -14.06 -26.30 25.91
N LYS A 154 -12.86 -25.76 25.67
CA LYS A 154 -11.81 -26.47 24.94
C LYS A 154 -10.98 -27.30 25.92
N PHE A 155 -11.52 -27.54 27.11
CA PHE A 155 -10.86 -28.38 28.11
C PHE A 155 -11.46 -29.78 28.23
N ILE A 156 -12.68 -29.96 27.73
CA ILE A 156 -13.37 -31.21 27.92
C ILE A 156 -13.51 -32.06 26.66
N GLY A 157 -13.74 -31.43 25.53
CA GLY A 157 -13.98 -32.22 24.33
C GLY A 157 -12.77 -33.02 23.91
N PRO A 158 -12.92 -33.89 22.90
CA PRO A 158 -11.72 -34.41 22.26
C PRO A 158 -10.98 -33.24 21.59
N GLN A 159 -9.67 -33.26 21.59
CA GLN A 159 -8.88 -32.13 21.13
C GLN A 159 -8.08 -32.54 19.91
N PRO A 160 -7.76 -31.59 19.04
CA PRO A 160 -6.90 -31.98 17.91
C PRO A 160 -5.45 -32.32 18.33
N ILE A 161 -5.01 -31.80 19.47
CA ILE A 161 -3.68 -32.06 19.95
C ILE A 161 -3.70 -32.52 21.40
N GLU A 162 -3.06 -33.64 21.70
CA GLU A 162 -3.03 -34.14 23.08
C GLU A 162 -1.97 -33.40 23.88
N MET A 163 -2.36 -32.80 25.00
CA MET A 163 -1.42 -32.11 25.87
C MET A 163 -1.17 -32.90 27.17
N ARG A 164 0.09 -33.17 27.51
CA ARG A 164 0.41 -33.79 28.80
C ARG A 164 1.40 -32.94 29.58
N PRO A 165 0.91 -32.19 30.56
CA PRO A 165 1.79 -31.33 31.31
C PRO A 165 2.59 -32.02 32.38
N VAL A 166 3.85 -31.64 32.54
CA VAL A 166 4.65 -32.10 33.64
C VAL A 166 4.01 -31.69 34.98
N LYS A 167 3.44 -30.49 35.02
CA LYS A 167 2.72 -30.01 36.20
C LYS A 167 1.42 -29.32 35.81
N PHE A 168 0.32 -29.67 36.47
CA PHE A 168 -0.96 -29.11 36.15
C PHE A 168 -1.10 -27.69 36.66
N HIS A 169 -1.63 -26.81 35.82
CA HIS A 169 -1.96 -25.43 36.20
C HIS A 169 -3.46 -25.16 35.99
N ASN A 170 -4.20 -25.13 37.09
CA ASN A 170 -5.63 -24.88 37.08
C ASN A 170 -5.93 -23.45 36.63
N PRO A 171 -6.58 -23.28 35.46
CA PRO A 171 -6.87 -21.96 34.95
C PRO A 171 -7.76 -21.10 35.84
N LEU A 172 -8.45 -21.74 36.78
CA LEU A 172 -9.33 -21.05 37.71
C LEU A 172 -8.69 -20.77 39.04
N GLN A 173 -7.59 -21.42 39.36
CA GLN A 173 -6.92 -21.12 40.61
C GLN A 173 -5.42 -21.24 40.50
N GLY A 174 -4.70 -20.13 40.52
CA GLY A 174 -3.25 -20.18 40.51
C GLY A 174 -2.70 -20.68 41.83
N SER A 175 -1.45 -21.09 41.82
CA SER A 175 -0.66 -21.23 43.03
C SER A 175 0.70 -20.67 42.73
N VAL A 176 1.29 -19.95 43.66
CA VAL A 176 2.59 -19.34 43.41
C VAL A 176 3.58 -20.46 42.98
N GLU A 177 4.12 -20.32 41.77
CA GLU A 177 5.05 -21.27 41.17
C GLU A 177 6.14 -20.54 40.35
N GLU A 178 7.28 -21.21 40.14
CA GLU A 178 8.35 -20.72 39.30
C GLU A 178 7.82 -20.49 37.89
N PRO A 179 8.39 -19.53 37.15
CA PRO A 179 7.85 -19.11 35.86
C PRO A 179 8.31 -19.99 34.75
N ASN A 180 8.07 -21.29 34.92
CA ASN A 180 8.51 -22.28 33.97
C ASN A 180 7.41 -23.28 33.76
N ARG A 181 7.28 -23.73 32.53
CA ARG A 181 6.29 -24.74 32.21
C ARG A 181 6.81 -25.69 31.15
N TYR A 182 6.49 -26.99 31.30
CA TYR A 182 6.95 -28.05 30.37
C TYR A 182 5.76 -28.88 30.01
N VAL A 183 5.47 -29.00 28.72
CA VAL A 183 4.30 -29.72 28.26
C VAL A 183 4.60 -30.60 27.06
N TRP A 184 4.33 -31.90 27.19
CA TRP A 184 4.40 -32.77 26.07
C TRP A 184 3.17 -32.65 25.20
N PHE A 185 3.31 -32.82 23.89
CA PHE A 185 2.14 -32.67 23.01
C PHE A 185 2.30 -33.36 21.69
N ARG A 186 1.17 -33.71 21.08
CA ARG A 186 1.17 -34.59 19.91
C ARG A 186 -0.18 -34.54 19.21
N ALA A 187 -0.14 -34.58 17.89
CA ALA A 187 -1.36 -34.60 17.09
C ALA A 187 -2.20 -35.86 17.38
N ASN A 188 -3.49 -35.68 17.60
CA ASN A 188 -4.40 -36.83 17.81
C ASN A 188 -4.82 -37.51 16.52
N GLY A 189 -3.88 -38.25 15.93
CA GLY A 189 -4.10 -38.92 14.66
C GLY A 189 -2.81 -38.95 13.90
N LYS A 190 -2.73 -39.75 12.84
CA LYS A 190 -1.55 -39.73 11.97
C LYS A 190 -1.66 -38.56 11.00
N MET A 191 -0.54 -37.87 10.82
CA MET A 191 -0.48 -36.68 10.03
C MET A 191 -0.06 -37.05 8.63
N PRO A 192 -0.37 -36.20 7.66
CA PRO A 192 0.16 -36.46 6.33
C PRO A 192 1.72 -36.41 6.33
N ASP A 193 2.30 -36.95 5.28
CA ASP A 193 3.73 -36.99 5.16
C ASP A 193 4.14 -35.77 4.36
N ASP A 194 4.19 -34.63 5.04
CA ASP A 194 4.35 -33.34 4.37
C ASP A 194 4.66 -32.34 5.44
N LEU A 195 5.95 -31.95 5.49
CA LEU A 195 6.50 -31.09 6.52
C LEU A 195 5.67 -29.80 6.70
N ARG A 196 5.18 -29.25 5.59
CA ARG A 196 4.54 -27.95 5.62
C ARG A 196 3.31 -28.00 6.49
N VAL A 197 2.58 -29.10 6.43
CA VAL A 197 1.35 -29.23 7.22
C VAL A 197 1.71 -29.35 8.70
N HIS A 198 2.77 -30.09 8.99
CA HIS A 198 3.27 -30.16 10.35
C HIS A 198 3.69 -28.77 10.86
N GLN A 199 4.26 -27.95 9.98
CA GLN A 199 4.61 -26.57 10.33
C GLN A 199 3.37 -25.66 10.66
N TYR A 200 2.32 -25.71 9.84
CA TYR A 200 1.11 -24.95 10.14
C TYR A 200 0.61 -25.36 11.53
N LEU A 201 0.51 -26.67 11.72
CA LEU A 201 -0.01 -27.23 12.94
C LEU A 201 0.86 -26.84 14.12
N LEU A 202 2.17 -26.84 13.91
CA LEU A 202 3.07 -26.48 15.01
C LEU A 202 2.91 -25.00 15.36
N GLY A 203 2.75 -24.17 14.36
CA GLY A 203 2.52 -22.74 14.65
C GLY A 203 1.28 -22.58 15.52
N TYR A 204 0.21 -23.26 15.12
CA TYR A 204 -1.02 -23.29 15.89
C TYR A 204 -0.75 -23.75 17.35
N ALA A 205 -0.12 -24.92 17.47
CA ALA A 205 0.21 -25.51 18.74
C ALA A 205 1.08 -24.64 19.60
N SER A 206 1.93 -23.82 18.98
CA SER A 206 2.82 -22.99 19.76
C SER A 206 2.16 -21.87 20.55
N ASP A 207 0.90 -21.55 20.25
CA ASP A 207 0.14 -20.56 21.08
C ASP A 207 -0.62 -21.16 22.30
N PHE A 208 -0.43 -22.43 22.59
CA PHE A 208 -0.97 -23.08 23.77
C PHE A 208 0.07 -23.20 24.88
N ASN A 209 -0.35 -23.12 26.14
CA ASN A 209 0.52 -23.28 27.28
C ASN A 209 1.70 -22.34 27.23
N PHE A 210 1.44 -21.10 26.80
CA PHE A 210 2.52 -20.20 26.51
C PHE A 210 2.41 -18.99 27.41
N LEU A 211 1.66 -17.97 27.00
CA LEU A 211 1.58 -16.72 27.75
C LEU A 211 1.22 -16.89 29.24
N PRO A 212 0.27 -17.79 29.59
CA PRO A 212 -0.13 -17.94 31.03
C PRO A 212 1.02 -18.28 31.99
N THR A 213 2.11 -18.79 31.43
CA THR A 213 3.33 -19.00 32.21
C THR A 213 3.79 -17.75 32.96
N ALA A 214 3.51 -16.60 32.39
CA ALA A 214 3.93 -15.34 33.02
C ALA A 214 3.15 -14.97 34.29
N LEU A 215 2.02 -15.62 34.48
CA LEU A 215 1.23 -15.41 35.65
C LEU A 215 1.67 -16.30 36.83
N GLN A 216 2.50 -17.28 36.56
CA GLN A 216 2.75 -18.32 37.56
C GLN A 216 3.33 -17.78 38.91
N PRO A 217 4.26 -16.84 38.86
CA PRO A 217 4.76 -16.36 40.16
C PRO A 217 3.73 -15.53 40.92
N HIS A 218 2.72 -15.05 40.20
CA HIS A 218 1.78 -14.13 40.79
C HIS A 218 0.57 -14.87 41.33
N GLY A 219 0.52 -16.19 41.08
CA GLY A 219 -0.52 -17.02 41.61
C GLY A 219 -1.93 -16.66 41.19
N ILE A 220 -2.10 -16.37 39.90
CA ILE A 220 -3.36 -16.05 39.33
C ILE A 220 -3.62 -16.96 38.10
N GLY A 221 -4.72 -17.70 38.12
CA GLY A 221 -5.07 -18.53 36.99
C GLY A 221 -5.53 -17.67 35.83
N PHE A 222 -5.25 -18.08 34.61
CA PHE A 222 -5.48 -17.21 33.47
C PHE A 222 -6.93 -17.04 33.10
N LEU A 223 -7.80 -17.88 33.61
CA LEU A 223 -9.27 -17.78 33.39
C LEU A 223 -10.03 -17.12 34.55
N GLU A 224 -9.36 -16.77 35.63
CA GLU A 224 -10.08 -16.20 36.78
C GLU A 224 -10.77 -14.90 36.42
N PRO A 225 -11.98 -14.70 36.95
CA PRO A 225 -12.75 -13.45 36.77
C PRO A 225 -11.91 -12.20 36.87
N GLY A 226 -12.12 -11.27 35.93
CA GLY A 226 -11.40 -10.00 35.91
C GLY A 226 -9.98 -9.99 35.40
N MET A 227 -9.41 -11.13 35.04
CA MET A 227 -8.02 -11.20 34.54
C MET A 227 -8.03 -10.96 33.01
N GLN A 228 -7.45 -9.85 32.57
CA GLN A 228 -7.30 -9.60 31.14
C GLN A 228 -5.94 -10.11 30.64
N ILE A 229 -6.00 -11.12 29.80
CA ILE A 229 -4.78 -11.69 29.23
C ILE A 229 -4.96 -11.68 27.70
N ALA A 230 -4.03 -11.06 26.98
CA ALA A 230 -4.12 -11.02 25.51
C ALA A 230 -2.76 -10.93 24.90
N THR A 231 -2.57 -11.73 23.87
CA THR A 231 -1.40 -11.71 23.08
C THR A 231 -1.24 -10.40 22.29
N ILE A 232 -0.04 -9.85 22.31
CA ILE A 232 0.32 -8.69 21.54
C ILE A 232 1.14 -9.15 20.34
N ASP A 233 2.18 -9.95 20.57
CA ASP A 233 2.98 -10.42 19.45
C ASP A 233 3.39 -11.86 19.63
N HIS A 234 3.70 -12.53 18.53
CA HIS A 234 4.05 -13.95 18.54
C HIS A 234 4.99 -14.19 17.40
N SER A 235 6.20 -14.63 17.74
CA SER A 235 7.26 -14.88 16.78
C SER A 235 7.83 -16.26 17.00
N MET A 236 8.32 -16.89 15.93
CA MET A 236 8.74 -18.25 15.99
C MET A 236 9.85 -18.50 15.00
N TRP A 237 10.66 -19.53 15.28
CA TRP A 237 11.76 -19.89 14.39
C TRP A 237 11.81 -21.39 14.24
N PHE A 238 11.71 -21.86 13.00
CA PHE A 238 11.71 -23.26 12.69
C PHE A 238 13.15 -23.70 12.37
N HIS A 239 13.84 -24.21 13.37
CA HIS A 239 15.26 -24.52 13.22
C HIS A 239 15.48 -25.79 12.37
N ARG A 240 14.70 -26.84 12.65
CA ARG A 240 14.91 -28.20 12.07
C ARG A 240 13.58 -28.89 11.72
N PRO A 241 13.60 -29.84 10.77
CA PRO A 241 12.38 -30.60 10.46
C PRO A 241 11.91 -31.44 11.67
N PHE A 242 10.67 -31.89 11.67
CA PHE A 242 10.10 -32.58 12.78
C PHE A 242 8.77 -33.22 12.33
N ARG A 243 8.18 -34.03 13.19
CA ARG A 243 6.85 -34.51 12.98
C ARG A 243 6.07 -34.29 14.26
N LEU A 244 4.79 -33.97 14.10
CA LEU A 244 3.96 -33.62 15.23
C LEU A 244 3.09 -34.81 15.60
N ASP A 245 3.18 -35.91 14.86
CA ASP A 245 2.47 -37.15 15.26
C ASP A 245 3.33 -38.05 16.18
N ASP A 246 4.48 -37.55 16.61
CA ASP A 246 5.16 -38.13 17.75
C ASP A 246 5.32 -37.02 18.80
N TRP A 247 5.62 -37.42 20.03
CA TRP A 247 5.69 -36.46 21.13
C TRP A 247 6.76 -35.37 20.98
N LEU A 248 6.40 -34.14 21.31
CA LEU A 248 7.33 -33.02 21.31
C LEU A 248 7.17 -32.33 22.64
N LEU A 249 8.22 -31.71 23.12
CA LEU A 249 8.18 -30.99 24.38
C LEU A 249 8.29 -29.49 24.17
N TYR A 250 7.36 -28.76 24.77
CA TYR A 250 7.38 -27.30 24.85
C TYR A 250 7.94 -26.85 26.20
N ALA A 251 9.14 -26.28 26.19
CA ALA A 251 9.73 -25.74 27.40
C ALA A 251 9.56 -24.24 27.36
N VAL A 252 8.86 -23.71 28.35
CA VAL A 252 8.44 -22.34 28.36
C VAL A 252 8.89 -21.75 29.65
N GLU A 253 9.43 -20.54 29.57
CA GLU A 253 9.70 -19.73 30.75
C GLU A 253 9.18 -18.34 30.51
N SER A 254 8.87 -17.65 31.57
CA SER A 254 8.57 -16.25 31.48
C SER A 254 9.72 -15.57 32.19
N THR A 255 10.65 -15.03 31.41
CA THR A 255 11.81 -14.32 31.93
C THR A 255 11.45 -13.00 32.58
N SER A 256 10.26 -12.46 32.34
CA SER A 256 9.92 -11.13 32.83
C SER A 256 8.45 -10.79 32.71
N ALA A 257 7.94 -10.04 33.69
CA ALA A 257 6.70 -9.32 33.53
C ALA A 257 6.92 -7.93 34.04
N SER A 258 6.26 -6.96 33.45
CA SER A 258 6.35 -5.56 33.86
C SER A 258 5.40 -4.73 33.04
N GLY A 259 5.01 -3.57 33.58
CA GLY A 259 4.20 -2.61 32.81
C GLY A 259 2.83 -3.08 32.38
N ALA A 260 2.31 -4.09 33.06
CA ALA A 260 1.06 -4.74 32.68
C ALA A 260 1.25 -5.70 31.48
N ARG A 261 2.50 -6.08 31.20
CA ARG A 261 2.80 -6.97 30.16
C ARG A 261 3.49 -8.21 30.76
N GLY A 262 3.49 -9.32 30.00
CA GLY A 262 4.11 -10.56 30.42
C GLY A 262 4.82 -11.11 29.21
N PHE A 263 5.98 -11.71 29.44
CA PHE A 263 6.90 -12.05 28.34
C PHE A 263 7.32 -13.52 28.45
N VAL A 264 7.20 -14.23 27.35
CA VAL A 264 7.51 -15.65 27.41
C VAL A 264 8.38 -16.08 26.26
N ARG A 265 9.24 -17.07 26.53
CA ARG A 265 10.08 -17.67 25.52
C ARG A 265 9.92 -19.14 25.58
N GLY A 266 9.90 -19.78 24.44
CA GLY A 266 9.71 -21.22 24.42
C GLY A 266 10.69 -21.87 23.48
N GLN A 267 10.86 -23.17 23.69
CA GLN A 267 11.74 -24.02 22.91
C GLN A 267 11.03 -25.33 22.79
N ILE A 268 11.02 -25.88 21.59
CA ILE A 268 10.29 -27.09 21.34
C ILE A 268 11.28 -28.15 20.91
N TYR A 269 11.25 -29.28 21.61
CA TYR A 269 12.17 -30.40 21.40
C TYR A 269 11.43 -31.66 21.02
N ASN A 270 11.99 -32.45 20.10
CA ASN A 270 11.44 -33.81 19.89
C ASN A 270 11.91 -34.73 21.00
N ARG A 271 11.38 -35.96 21.03
CA ARG A 271 11.62 -36.84 22.18
C ARG A 271 13.06 -37.31 22.23
N GLU A 272 13.69 -37.36 21.06
CA GLU A 272 15.11 -37.63 20.93
C GLU A 272 15.96 -36.48 21.42
N GLY A 273 15.37 -35.33 21.74
CA GLY A 273 16.17 -34.19 22.26
C GLY A 273 16.59 -33.14 21.23
N VAL A 274 16.14 -33.27 19.99
CA VAL A 274 16.52 -32.33 18.91
C VAL A 274 15.71 -31.05 19.03
N LEU A 275 16.40 -29.92 18.99
CA LEU A 275 15.76 -28.62 19.11
C LEU A 275 15.06 -28.29 17.79
N VAL A 276 13.74 -28.24 17.85
CA VAL A 276 12.89 -28.12 16.68
C VAL A 276 12.53 -26.65 16.36
N ALA A 277 12.25 -25.87 17.39
CA ALA A 277 11.69 -24.55 17.20
C ALA A 277 11.80 -23.76 18.46
N SER A 278 11.82 -22.43 18.30
CA SER A 278 11.92 -21.48 19.38
C SER A 278 10.84 -20.41 19.21
N THR A 279 10.30 -19.89 20.30
CA THR A 279 9.17 -19.00 20.22
C THR A 279 9.28 -17.87 21.19
N VAL A 280 8.70 -16.72 20.87
CA VAL A 280 8.72 -15.60 21.77
C VAL A 280 7.37 -14.91 21.69
N GLN A 281 6.82 -14.53 22.83
CA GLN A 281 5.57 -13.80 22.84
C GLN A 281 5.49 -12.84 24.01
N GLU A 282 4.91 -11.69 23.75
CA GLU A 282 4.59 -10.75 24.79
C GLU A 282 3.08 -10.59 24.76
N GLY A 283 2.48 -10.44 25.95
CA GLY A 283 1.07 -10.14 26.07
C GLY A 283 0.72 -9.17 27.18
N VAL A 284 -0.53 -8.73 27.18
CA VAL A 284 -1.08 -7.93 28.22
C VAL A 284 -1.57 -8.88 29.28
N ILE A 285 -1.17 -8.60 30.50
CA ILE A 285 -1.62 -9.37 31.66
C ILE A 285 -2.11 -8.37 32.75
N ARG A 286 -3.41 -8.16 32.81
CA ARG A 286 -3.96 -7.13 33.65
C ARG A 286 -5.10 -7.75 34.47
N LEU A 287 -4.95 -7.73 35.79
CA LEU A 287 -6.01 -8.00 36.73
C LEU A 287 -6.89 -6.77 36.87
N HIS A 288 -8.17 -6.91 36.52
CA HIS A 288 -9.19 -5.86 36.69
C HIS A 288 -10.04 -6.16 37.91
N ALA B 7 -30.34 -12.80 -21.52
CA ALA B 7 -29.16 -12.22 -22.27
C ALA B 7 -28.67 -10.89 -21.64
N LEU B 8 -29.61 -9.96 -21.49
CA LEU B 8 -29.43 -8.77 -20.68
C LEU B 8 -29.47 -9.27 -19.24
N GLU B 9 -30.36 -10.21 -18.96
CA GLU B 9 -30.45 -10.80 -17.62
C GLU B 9 -29.10 -11.36 -17.20
N LYS B 10 -28.46 -12.06 -18.12
CA LYS B 10 -27.21 -12.69 -17.78
C LYS B 10 -26.16 -11.61 -17.53
N LEU B 11 -26.28 -10.51 -18.25
CA LEU B 11 -25.29 -9.45 -18.15
C LEU B 11 -25.46 -8.71 -16.84
N LEU B 12 -26.70 -8.45 -16.46
CA LEU B 12 -26.96 -7.80 -15.16
C LEU B 12 -26.46 -8.69 -14.06
N ASP B 13 -26.64 -10.00 -14.23
CA ASP B 13 -26.21 -10.92 -13.21
C ASP B 13 -24.70 -10.88 -13.02
N LEU B 14 -24.03 -10.79 -14.14
CA LEU B 14 -22.61 -10.76 -14.22
C LEU B 14 -21.99 -9.46 -13.62
N LEU B 15 -22.71 -8.34 -13.72
CA LEU B 15 -22.24 -7.07 -13.21
C LEU B 15 -22.58 -6.91 -11.73
N ASP B 16 -23.40 -7.86 -11.22
CA ASP B 16 -23.72 -7.99 -9.82
C ASP B 16 -22.74 -8.95 -9.12
N LEU B 17 -21.72 -8.38 -8.50
CA LEU B 17 -20.56 -9.12 -8.06
C LEU B 17 -20.74 -9.89 -6.77
N GLU B 18 -19.95 -10.93 -6.64
CA GLU B 18 -19.83 -11.71 -5.43
C GLU B 18 -18.91 -10.95 -4.46
N LYS B 19 -19.41 -10.77 -3.24
CA LYS B 19 -18.69 -10.13 -2.16
C LYS B 19 -17.76 -11.12 -1.47
N ILE B 20 -16.46 -10.84 -1.46
CA ILE B 20 -15.47 -11.61 -0.68
C ILE B 20 -15.22 -10.99 0.69
N GLU B 21 -15.08 -9.69 0.73
CA GLU B 21 -14.90 -8.98 2.01
C GLU B 21 -15.24 -7.56 1.70
N GLU B 22 -15.11 -6.67 2.67
CA GLU B 22 -15.39 -5.23 2.42
C GLU B 22 -14.40 -4.77 1.39
N GLY B 23 -14.91 -4.23 0.32
CA GLY B 23 -14.09 -3.81 -0.80
C GLY B 23 -13.20 -4.86 -1.43
N ILE B 24 -13.60 -6.13 -1.34
CA ILE B 24 -13.04 -7.19 -2.15
C ILE B 24 -14.22 -7.93 -2.78
N PHE B 25 -14.22 -7.94 -4.10
CA PHE B 25 -15.28 -8.52 -4.88
C PHE B 25 -14.70 -9.48 -5.93
N ARG B 26 -15.47 -10.49 -6.30
CA ARG B 26 -15.12 -11.36 -7.43
C ARG B 26 -16.17 -11.28 -8.56
N GLY B 27 -15.71 -11.07 -9.79
CA GLY B 27 -16.59 -11.04 -10.95
C GLY B 27 -16.25 -12.15 -11.92
N GLN B 28 -17.26 -12.72 -12.55
CA GLN B 28 -17.05 -13.68 -13.60
C GLN B 28 -16.96 -12.90 -14.87
N SER B 29 -16.47 -13.56 -15.93
CA SER B 29 -16.46 -12.95 -17.26
C SER B 29 -17.42 -13.55 -18.31
N GLU B 30 -17.77 -12.76 -19.32
CA GLU B 30 -18.77 -13.15 -20.33
C GLU B 30 -18.25 -14.24 -21.24
N ARG B 35 -11.82 -15.21 -25.73
CA ARG B 35 -10.44 -14.75 -25.54
C ARG B 35 -10.30 -13.67 -24.42
N GLN B 36 -10.29 -12.41 -24.83
CA GLN B 36 -10.03 -11.36 -23.90
C GLN B 36 -11.30 -10.68 -23.48
N VAL B 37 -11.34 -10.29 -22.22
CA VAL B 37 -12.49 -9.61 -21.65
C VAL B 37 -12.76 -8.30 -22.38
N PHE B 38 -14.03 -8.01 -22.59
CA PHE B 38 -14.48 -6.74 -23.10
C PHE B 38 -14.24 -5.63 -22.04
N GLY B 39 -13.58 -4.55 -22.43
CA GLY B 39 -13.33 -3.41 -21.52
C GLY B 39 -14.58 -3.03 -20.71
N GLY B 40 -15.72 -3.01 -21.39
CA GLY B 40 -16.95 -2.57 -20.75
C GLY B 40 -17.32 -3.46 -19.60
N GLN B 41 -17.02 -4.74 -19.70
CA GLN B 41 -17.29 -5.60 -18.60
C GLN B 41 -16.57 -5.12 -17.36
N VAL B 42 -15.26 -4.89 -17.52
CA VAL B 42 -14.39 -4.43 -16.42
C VAL B 42 -14.88 -3.07 -15.86
N VAL B 43 -15.33 -2.18 -16.75
CA VAL B 43 -15.81 -0.88 -16.32
C VAL B 43 -17.00 -1.02 -15.42
N GLY B 44 -17.96 -1.84 -15.86
CA GLY B 44 -19.20 -1.96 -15.18
C GLY B 44 -19.01 -2.55 -13.83
N GLN B 45 -18.23 -3.64 -13.82
CA GLN B 45 -17.93 -4.31 -12.62
C GLN B 45 -17.13 -3.42 -11.66
N ALA B 46 -16.21 -2.61 -12.20
CA ALA B 46 -15.43 -1.74 -11.35
C ALA B 46 -16.31 -0.71 -10.68
N ILE B 47 -17.27 -0.15 -11.43
CA ILE B 47 -18.27 0.75 -10.82
C ILE B 47 -19.04 0.08 -9.69
N TYR B 48 -19.55 -1.13 -9.96
CA TYR B 48 -20.30 -1.88 -8.94
C TYR B 48 -19.49 -2.00 -7.65
N ALA B 49 -18.27 -2.46 -7.77
CA ALA B 49 -17.42 -2.73 -6.64
C ALA B 49 -17.23 -1.46 -5.82
N ALA B 50 -16.84 -0.39 -6.50
CA ALA B 50 -16.58 0.87 -5.82
C ALA B 50 -17.82 1.36 -5.11
N LYS B 51 -18.95 1.33 -5.82
CA LYS B 51 -20.25 1.76 -5.27
C LYS B 51 -20.66 1.02 -3.98
N GLN B 52 -20.36 -0.27 -3.86
CA GLN B 52 -20.65 -1.00 -2.62
C GLN B 52 -19.91 -0.44 -1.41
N THR B 53 -18.82 0.26 -1.65
CA THR B 53 -18.00 0.75 -0.50
C THR B 53 -18.36 2.16 -0.05
N VAL B 54 -19.48 2.67 -0.53
CA VAL B 54 -19.75 4.10 -0.43
C VAL B 54 -21.15 4.24 0.17
N PRO B 55 -21.43 5.33 0.90
CA PRO B 55 -22.81 5.54 1.39
C PRO B 55 -23.88 5.41 0.28
N ALA B 56 -25.07 4.95 0.66
CA ALA B 56 -26.10 4.51 -0.29
C ALA B 56 -26.56 5.66 -1.18
N GLU B 57 -26.57 6.87 -0.61
CA GLU B 57 -27.08 8.09 -1.25
C GLU B 57 -26.11 8.67 -2.27
N ARG B 58 -24.84 8.38 -2.11
CA ARG B 58 -23.85 9.04 -2.95
C ARG B 58 -23.63 8.17 -4.16
N THR B 59 -24.03 8.69 -5.33
CA THR B 59 -23.98 7.94 -6.57
C THR B 59 -22.85 8.48 -7.42
N VAL B 60 -22.37 7.62 -8.34
CA VAL B 60 -21.19 7.93 -9.12
C VAL B 60 -21.44 9.14 -9.98
N HIS B 61 -20.52 10.10 -9.97
CA HIS B 61 -20.57 11.21 -10.89
C HIS B 61 -19.37 11.28 -11.91
N SER B 62 -18.25 10.64 -11.60
CA SER B 62 -17.13 10.56 -12.53
C SER B 62 -16.24 9.34 -12.26
N PHE B 63 -15.51 8.89 -13.27
CA PHE B 63 -14.36 8.01 -13.07
C PHE B 63 -13.31 8.21 -14.12
N HIS B 64 -12.08 7.84 -13.77
CA HIS B 64 -11.01 7.65 -14.71
C HIS B 64 -10.47 6.25 -14.57
N SER B 65 -10.10 5.65 -15.68
CA SER B 65 -9.46 4.37 -15.67
C SER B 65 -8.34 4.23 -16.69
N TYR B 66 -7.40 3.35 -16.37
CA TYR B 66 -6.40 2.89 -17.31
C TYR B 66 -6.44 1.37 -17.48
N PHE B 67 -6.31 0.90 -18.70
CA PHE B 67 -6.23 -0.54 -18.98
C PHE B 67 -4.77 -0.82 -19.18
N LEU B 68 -4.19 -1.70 -18.37
CA LEU B 68 -2.78 -2.07 -18.48
C LEU B 68 -2.58 -3.40 -19.24
N ARG B 69 -3.43 -4.41 -18.98
CA ARG B 69 -3.23 -5.78 -19.52
C ARG B 69 -4.54 -6.36 -19.99
N PRO B 70 -4.46 -7.29 -20.97
CA PRO B 70 -5.71 -7.93 -21.38
C PRO B 70 -6.21 -8.82 -20.27
N GLY B 71 -7.51 -9.08 -20.29
CA GLY B 71 -8.14 -9.87 -19.23
C GLY B 71 -8.59 -11.20 -19.78
N ASP B 72 -8.17 -12.25 -19.12
CA ASP B 72 -8.48 -13.58 -19.57
C ASP B 72 -9.95 -13.87 -19.19
N SER B 73 -10.78 -13.92 -20.22
CA SER B 73 -12.22 -14.13 -20.09
C SER B 73 -12.60 -15.52 -19.60
N SER B 74 -11.63 -16.41 -19.43
CA SER B 74 -11.94 -17.70 -18.89
C SER B 74 -11.79 -17.73 -17.39
N LYS B 75 -11.29 -16.64 -16.79
CA LYS B 75 -11.01 -16.64 -15.37
C LYS B 75 -11.69 -15.49 -14.64
N PRO B 76 -11.96 -15.67 -13.33
CA PRO B 76 -12.59 -14.63 -12.54
C PRO B 76 -11.67 -13.41 -12.47
N ILE B 77 -12.25 -12.25 -12.18
CA ILE B 77 -11.48 -11.07 -11.94
C ILE B 77 -11.75 -10.63 -10.52
N ILE B 78 -10.70 -10.39 -9.73
CA ILE B 78 -10.88 -9.85 -8.40
C ILE B 78 -10.85 -8.31 -8.43
N TYR B 79 -11.86 -7.69 -7.83
CA TYR B 79 -11.92 -6.24 -7.68
C TYR B 79 -11.61 -5.81 -6.25
N ASP B 80 -10.48 -5.11 -6.07
CA ASP B 80 -10.08 -4.59 -4.76
C ASP B 80 -10.38 -3.08 -4.69
N VAL B 81 -11.04 -2.64 -3.62
CA VAL B 81 -11.45 -1.25 -3.53
C VAL B 81 -10.74 -0.57 -2.36
N GLU B 82 -9.95 0.44 -2.70
CA GLU B 82 -9.30 1.29 -1.70
C GLU B 82 -10.11 2.52 -1.49
N THR B 83 -10.40 2.78 -0.24
CA THR B 83 -11.05 4.00 0.18
C THR B 83 -10.06 5.16 0.20
N LEU B 84 -10.33 6.17 -0.59
CA LEU B 84 -9.39 7.28 -0.74
C LEU B 84 -9.75 8.42 0.17
N ARG B 85 -11.03 8.73 0.21
CA ARG B 85 -11.52 9.92 0.84
C ARG B 85 -13.03 9.80 1.00
N ASP B 86 -13.51 10.15 2.19
CA ASP B 86 -14.90 10.33 2.47
C ASP B 86 -15.07 11.74 3.01
N GLY B 87 -15.50 12.65 2.14
CA GLY B 87 -15.67 14.05 2.45
C GLY B 87 -17.07 14.41 2.89
N ASN B 88 -17.36 15.72 2.85
CA ASN B 88 -18.68 16.19 3.21
C ASN B 88 -19.63 15.96 2.09
N SER B 89 -19.11 16.07 0.88
CA SER B 89 -19.93 15.74 -0.28
C SER B 89 -19.45 14.51 -1.08
N PHE B 90 -18.13 14.41 -1.23
CA PHE B 90 -17.52 13.47 -2.10
C PHE B 90 -16.92 12.27 -1.38
N SER B 91 -17.16 11.08 -1.98
CA SER B 91 -16.44 9.89 -1.66
C SER B 91 -15.65 9.46 -2.92
N ALA B 92 -14.37 9.10 -2.72
CA ALA B 92 -13.52 8.62 -3.80
C ALA B 92 -12.92 7.23 -3.47
N ARG B 93 -12.86 6.39 -4.51
CA ARG B 93 -12.44 5.00 -4.41
C ARG B 93 -11.52 4.65 -5.57
N ARG B 94 -10.52 3.81 -5.32
CA ARG B 94 -9.68 3.31 -6.39
C ARG B 94 -9.89 1.79 -6.49
N VAL B 95 -10.29 1.32 -7.65
CA VAL B 95 -10.51 -0.10 -7.92
C VAL B 95 -9.35 -0.68 -8.73
N SER B 96 -8.73 -1.71 -8.18
CA SER B 96 -7.76 -2.50 -8.89
C SER B 96 -8.41 -3.79 -9.40
N ALA B 97 -8.46 -3.98 -10.71
CA ALA B 97 -8.92 -5.24 -11.25
C ALA B 97 -7.73 -6.17 -11.36
N ILE B 98 -7.81 -7.32 -10.72
CA ILE B 98 -6.66 -8.23 -10.56
C ILE B 98 -6.96 -9.62 -11.07
N GLN B 99 -6.08 -10.13 -11.95
CA GLN B 99 -6.10 -11.52 -12.41
C GLN B 99 -4.68 -12.11 -12.36
N ASN B 100 -4.61 -13.38 -11.97
CA ASN B 100 -3.31 -14.02 -11.76
C ASN B 100 -2.28 -13.15 -11.10
N GLY B 101 -2.63 -12.56 -9.96
CA GLY B 101 -1.70 -11.77 -9.19
C GLY B 101 -1.30 -10.45 -9.82
N LYS B 102 -1.96 -10.06 -10.93
CA LYS B 102 -1.48 -8.88 -11.66
C LYS B 102 -2.64 -7.96 -11.89
N PRO B 103 -2.42 -6.66 -11.75
CA PRO B 103 -3.43 -5.66 -12.09
C PRO B 103 -3.58 -5.54 -13.57
N ILE B 104 -4.77 -5.78 -14.08
CA ILE B 104 -5.06 -5.58 -15.51
C ILE B 104 -5.67 -4.24 -15.84
N PHE B 105 -6.11 -3.53 -14.80
CA PHE B 105 -6.91 -2.32 -14.93
C PHE B 105 -7.05 -1.64 -13.58
N TYR B 106 -7.09 -0.32 -13.61
CA TYR B 106 -7.27 0.50 -12.43
C TYR B 106 -8.30 1.57 -12.75
N MET B 107 -9.18 1.85 -11.80
CA MET B 107 -10.15 2.92 -11.92
C MET B 107 -10.21 3.70 -10.62
N THR B 108 -10.22 5.01 -10.73
CA THR B 108 -10.58 5.87 -9.61
C THR B 108 -11.91 6.53 -9.87
N ALA B 109 -12.85 6.36 -8.94
CA ALA B 109 -14.21 6.84 -9.12
C ALA B 109 -14.65 7.75 -7.97
N SER B 110 -15.47 8.73 -8.31
CA SER B 110 -15.97 9.72 -7.36
C SER B 110 -17.51 9.76 -7.25
N PHE B 111 -17.98 9.87 -6.01
CA PHE B 111 -19.42 9.77 -5.67
C PHE B 111 -19.88 10.99 -4.89
N GLN B 112 -21.03 11.56 -5.27
CA GLN B 112 -21.48 12.82 -4.63
C GLN B 112 -22.91 12.72 -4.21
N SER B 113 -23.19 13.42 -3.11
CA SER B 113 -24.55 13.58 -2.59
C SER B 113 -25.41 14.36 -3.59
N GLN B 114 -26.59 13.83 -3.90
CA GLN B 114 -27.50 14.52 -4.80
C GLN B 114 -27.77 15.94 -4.27
N GLU B 115 -27.95 16.86 -5.20
CA GLU B 115 -28.06 18.26 -4.86
C GLU B 115 -28.62 18.97 -6.08
N GLU B 116 -29.32 20.08 -5.87
CA GLU B 116 -29.80 20.92 -6.97
C GLU B 116 -28.86 22.09 -7.09
N GLY B 117 -28.38 22.35 -8.29
CA GLY B 117 -27.42 23.42 -8.52
C GLY B 117 -27.66 24.08 -9.85
N PHE B 118 -26.71 24.92 -10.27
CA PHE B 118 -26.78 25.55 -11.62
C PHE B 118 -26.97 24.48 -12.69
N GLU B 119 -27.80 24.80 -13.69
CA GLU B 119 -28.11 23.90 -14.80
C GLU B 119 -27.83 24.58 -16.11
N HIS B 120 -27.06 23.92 -16.97
CA HIS B 120 -27.02 24.24 -18.41
C HIS B 120 -26.46 23.03 -19.13
N GLN B 121 -26.62 23.00 -20.44
CA GLN B 121 -26.16 21.89 -21.24
C GLN B 121 -26.10 22.28 -22.70
N ASN B 122 -25.35 21.54 -23.50
CA ASN B 122 -25.29 21.87 -24.91
C ASN B 122 -26.49 21.17 -25.59
N THR B 123 -26.49 21.11 -26.92
CA THR B 123 -27.65 20.60 -27.62
C THR B 123 -27.37 19.26 -28.30
N MET B 124 -28.29 18.33 -28.09
CA MET B 124 -28.23 17.04 -28.72
C MET B 124 -28.13 17.23 -30.21
N PRO B 125 -27.23 16.49 -30.88
CA PRO B 125 -27.09 16.62 -32.32
C PRO B 125 -28.37 16.20 -33.03
N ASP B 126 -28.63 16.76 -34.20
CA ASP B 126 -29.80 16.40 -35.02
C ASP B 126 -29.57 15.08 -35.71
N VAL B 127 -30.27 14.03 -35.29
CA VAL B 127 -30.14 12.74 -35.93
C VAL B 127 -31.49 12.07 -36.11
N PRO B 128 -31.53 11.07 -36.99
CA PRO B 128 -32.76 10.29 -37.16
C PRO B 128 -33.16 9.52 -35.90
N PRO B 129 -34.46 9.52 -35.54
CA PRO B 129 -34.88 8.73 -34.41
C PRO B 129 -34.63 7.24 -34.61
N PRO B 130 -34.59 6.48 -33.51
CA PRO B 130 -34.20 5.09 -33.61
C PRO B 130 -35.14 4.22 -34.45
N GLU B 131 -36.45 4.45 -34.33
CA GLU B 131 -37.48 3.55 -34.91
C GLU B 131 -37.30 3.32 -36.41
N GLY B 132 -36.78 4.33 -37.09
CA GLY B 132 -36.37 4.20 -38.48
C GLY B 132 -35.19 3.26 -38.76
N LEU B 133 -34.44 2.91 -37.73
CA LEU B 133 -33.11 2.32 -37.90
C LEU B 133 -33.04 0.83 -37.60
N MET B 134 -32.24 0.16 -38.42
CA MET B 134 -31.89 -1.23 -38.22
C MET B 134 -30.97 -1.44 -37.01
N SER B 135 -31.11 -2.55 -36.33
CA SER B 135 -30.14 -2.91 -35.29
C SER B 135 -28.89 -3.53 -35.91
N GLU B 136 -27.86 -3.59 -35.09
CA GLU B 136 -26.62 -4.34 -35.42
C GLU B 136 -26.86 -5.85 -35.57
N THR B 137 -27.79 -6.36 -34.76
CA THR B 137 -28.18 -7.76 -34.79
C THR B 137 -28.72 -8.10 -36.18
N ASP B 138 -29.70 -7.33 -36.62
CA ASP B 138 -30.37 -7.60 -37.87
C ASP B 138 -29.42 -7.34 -39.03
N ILE B 139 -28.72 -6.21 -39.01
CA ILE B 139 -27.83 -5.88 -40.11
C ILE B 139 -26.67 -6.88 -40.27
N ALA B 140 -26.34 -7.62 -39.20
CA ALA B 140 -25.34 -8.71 -39.27
C ALA B 140 -25.69 -9.78 -40.32
N ARG B 141 -26.93 -10.25 -40.25
CA ARG B 141 -27.41 -11.30 -41.15
C ARG B 141 -27.71 -10.68 -42.53
N GLN B 142 -28.23 -9.45 -42.50
CA GLN B 142 -28.54 -8.67 -43.71
C GLN B 142 -29.80 -9.20 -44.40
N GLY B 157 -27.70 -13.84 -32.56
CA GLY B 157 -27.38 -13.92 -31.14
C GLY B 157 -27.97 -12.73 -30.39
N PRO B 158 -28.77 -12.99 -29.34
CA PRO B 158 -29.42 -11.90 -28.63
C PRO B 158 -28.40 -11.12 -27.80
N GLN B 159 -28.18 -9.86 -28.18
CA GLN B 159 -27.28 -8.94 -27.47
C GLN B 159 -28.00 -8.25 -26.33
N PRO B 160 -27.31 -8.07 -25.19
CA PRO B 160 -27.93 -7.47 -24.01
C PRO B 160 -28.38 -6.02 -24.24
N ILE B 161 -27.67 -5.34 -25.12
CA ILE B 161 -27.97 -3.97 -25.48
C ILE B 161 -28.18 -3.86 -26.99
N GLU B 162 -29.39 -3.47 -27.40
CA GLU B 162 -29.68 -3.27 -28.81
C GLU B 162 -29.01 -1.98 -29.25
N MET B 163 -28.18 -2.04 -30.29
CA MET B 163 -27.62 -0.86 -30.92
C MET B 163 -28.28 -0.57 -32.27
N ARG B 164 -28.48 0.70 -32.57
CA ARG B 164 -29.03 1.11 -33.85
C ARG B 164 -28.24 2.26 -34.42
N PRO B 165 -27.24 1.94 -35.27
CA PRO B 165 -26.36 2.95 -35.83
C PRO B 165 -27.10 3.81 -36.86
N VAL B 166 -26.57 5.02 -37.07
CA VAL B 166 -27.09 5.96 -38.05
C VAL B 166 -26.43 5.67 -39.39
N LYS B 167 -25.11 5.66 -39.40
CA LYS B 167 -24.36 5.08 -40.50
C LYS B 167 -23.81 3.76 -40.00
N PHE B 168 -23.96 2.71 -40.78
CA PHE B 168 -23.36 1.44 -40.42
C PHE B 168 -21.88 1.46 -40.86
N HIS B 169 -21.01 1.00 -39.98
CA HIS B 169 -19.56 1.01 -40.21
C HIS B 169 -19.08 -0.42 -40.15
N ASN B 170 -18.66 -0.95 -41.28
CA ASN B 170 -18.22 -2.34 -41.39
C ASN B 170 -16.85 -2.49 -40.73
N PRO B 171 -16.75 -3.41 -39.75
CA PRO B 171 -15.46 -3.71 -39.06
C PRO B 171 -14.37 -4.33 -39.94
N LEU B 172 -14.75 -4.97 -41.04
CA LEU B 172 -13.77 -5.62 -41.96
C LEU B 172 -13.54 -4.86 -43.28
N GLN B 173 -14.38 -3.87 -43.52
CA GLN B 173 -14.25 -3.00 -44.66
C GLN B 173 -14.55 -1.56 -44.23
N GLY B 174 -13.50 -0.81 -43.94
CA GLY B 174 -13.64 0.58 -43.64
C GLY B 174 -13.90 1.37 -44.91
N SER B 175 -14.27 2.63 -44.72
CA SER B 175 -14.35 3.56 -45.82
C SER B 175 -14.14 4.95 -45.28
N VAL B 176 -13.46 5.79 -46.02
CA VAL B 176 -13.24 7.14 -45.59
C VAL B 176 -14.56 7.87 -45.30
N GLU B 177 -14.79 8.13 -44.00
CA GLU B 177 -15.96 8.83 -43.49
C GLU B 177 -15.51 9.94 -42.55
N GLU B 178 -16.43 10.84 -42.22
CA GLU B 178 -16.14 11.90 -41.25
C GLU B 178 -15.85 11.22 -39.89
N PRO B 179 -14.98 11.82 -39.07
CA PRO B 179 -14.62 11.32 -37.74
C PRO B 179 -15.71 11.44 -36.67
N ASN B 180 -16.91 10.97 -37.00
CA ASN B 180 -18.07 11.07 -36.14
C ASN B 180 -18.94 9.89 -36.30
N ARG B 181 -19.63 9.56 -35.24
CA ARG B 181 -20.45 8.40 -35.24
C ARG B 181 -21.57 8.66 -34.24
N TYR B 182 -22.77 8.14 -34.53
CA TYR B 182 -23.97 8.36 -33.76
C TYR B 182 -24.72 7.09 -33.72
N VAL B 183 -24.91 6.54 -32.51
CA VAL B 183 -25.59 5.26 -32.34
C VAL B 183 -26.64 5.34 -31.24
N TRP B 184 -27.85 4.88 -31.53
CA TRP B 184 -28.91 4.78 -30.51
C TRP B 184 -28.76 3.44 -29.85
N PHE B 185 -29.08 3.38 -28.57
CA PHE B 185 -28.97 2.15 -27.86
C PHE B 185 -29.89 2.08 -26.68
N ARG B 186 -30.24 0.85 -26.33
CA ARG B 186 -31.29 0.60 -25.34
C ARG B 186 -31.11 -0.79 -24.78
N ALA B 187 -31.40 -0.92 -23.49
CA ALA B 187 -31.36 -2.17 -22.78
C ALA B 187 -32.43 -3.07 -23.39
N ASN B 188 -31.97 -4.24 -23.88
CA ASN B 188 -32.84 -5.24 -24.51
C ASN B 188 -33.62 -6.02 -23.49
N GLY B 189 -34.49 -5.35 -22.77
CA GLY B 189 -35.24 -5.97 -21.69
C GLY B 189 -35.65 -4.97 -20.62
N LYS B 190 -36.44 -5.45 -19.67
CA LYS B 190 -36.92 -4.62 -18.57
C LYS B 190 -35.84 -4.43 -17.52
N MET B 191 -35.56 -3.16 -17.20
CA MET B 191 -34.55 -2.82 -16.21
C MET B 191 -35.21 -2.66 -14.85
N PRO B 192 -34.45 -2.83 -13.76
CA PRO B 192 -35.06 -2.63 -12.46
C PRO B 192 -35.14 -1.17 -12.16
N ASP B 193 -36.00 -0.80 -11.22
CA ASP B 193 -36.12 0.59 -10.82
C ASP B 193 -35.01 0.90 -9.81
N ASP B 194 -33.81 1.23 -10.31
CA ASP B 194 -32.60 1.42 -9.43
C ASP B 194 -31.45 2.06 -10.21
N LEU B 195 -31.24 3.34 -10.00
CA LEU B 195 -30.32 4.10 -10.85
C LEU B 195 -28.91 3.52 -10.87
N ARG B 196 -28.47 2.85 -9.79
CA ARG B 196 -27.12 2.30 -9.74
C ARG B 196 -26.92 1.30 -10.84
N VAL B 197 -27.88 0.39 -10.97
CA VAL B 197 -27.80 -0.68 -11.99
C VAL B 197 -27.77 -0.10 -13.38
N HIS B 198 -28.52 0.97 -13.60
CA HIS B 198 -28.48 1.65 -14.89
C HIS B 198 -27.09 2.29 -15.16
N GLN B 199 -26.45 2.81 -14.12
CA GLN B 199 -25.12 3.40 -14.28
C GLN B 199 -24.06 2.35 -14.63
N TYR B 200 -24.07 1.22 -13.94
CA TYR B 200 -23.12 0.13 -14.27
C TYR B 200 -23.25 -0.25 -15.75
N LEU B 201 -24.50 -0.40 -16.19
CA LEU B 201 -24.76 -0.82 -17.58
C LEU B 201 -24.36 0.25 -18.58
N LEU B 202 -24.53 1.49 -18.19
CA LEU B 202 -24.09 2.57 -19.02
C LEU B 202 -22.58 2.63 -19.07
N GLY B 203 -21.93 2.40 -17.92
CA GLY B 203 -20.47 2.22 -17.90
C GLY B 203 -20.06 1.16 -18.94
N TYR B 204 -20.75 0.03 -18.86
CA TYR B 204 -20.58 -1.06 -19.85
C TYR B 204 -20.84 -0.60 -21.29
N ALA B 205 -21.94 0.14 -21.51
CA ALA B 205 -22.31 0.47 -22.89
C ALA B 205 -21.38 1.49 -23.51
N SER B 206 -20.79 2.32 -22.65
CA SER B 206 -19.88 3.39 -23.09
C SER B 206 -18.65 2.96 -23.83
N ASP B 207 -18.22 1.73 -23.64
CA ASP B 207 -17.01 1.25 -24.35
C ASP B 207 -17.34 0.64 -25.74
N PHE B 208 -18.61 0.63 -26.12
CA PHE B 208 -19.07 0.24 -27.46
C PHE B 208 -19.15 1.44 -28.41
N ASN B 209 -18.92 1.19 -29.70
CA ASN B 209 -19.03 2.21 -30.73
C ASN B 209 -18.20 3.44 -30.48
N PHE B 210 -17.02 3.26 -29.87
CA PHE B 210 -16.31 4.39 -29.35
C PHE B 210 -14.95 4.54 -30.03
N LEU B 211 -13.94 3.82 -29.55
CA LEU B 211 -12.59 3.97 -30.12
C LEU B 211 -12.50 3.82 -31.65
N PRO B 212 -13.24 2.87 -32.27
CA PRO B 212 -13.19 2.70 -33.74
C PRO B 212 -13.47 3.99 -34.53
N THR B 213 -14.23 4.89 -33.93
CA THR B 213 -14.55 6.13 -34.59
C THR B 213 -13.30 6.83 -35.05
N ALA B 214 -12.17 6.61 -34.36
CA ALA B 214 -10.90 7.26 -34.73
C ALA B 214 -10.27 6.72 -36.02
N LEU B 215 -10.74 5.58 -36.50
CA LEU B 215 -10.23 5.02 -37.73
C LEU B 215 -10.94 5.59 -38.96
N GLN B 216 -12.15 6.10 -38.75
CA GLN B 216 -13.07 6.45 -39.84
C GLN B 216 -12.43 7.33 -40.92
N PRO B 217 -11.72 8.38 -40.51
CA PRO B 217 -11.11 9.15 -41.58
C PRO B 217 -9.97 8.42 -42.31
N HIS B 218 -9.63 7.21 -41.89
CA HIS B 218 -8.48 6.53 -42.47
C HIS B 218 -8.88 5.34 -43.33
N GLY B 219 -10.15 4.95 -43.24
CA GLY B 219 -10.74 3.96 -44.13
C GLY B 219 -10.29 2.57 -43.80
N ILE B 220 -10.22 2.28 -42.51
CA ILE B 220 -9.84 0.92 -42.07
C ILE B 220 -10.81 0.49 -40.98
N GLY B 221 -11.42 -0.67 -41.15
CA GLY B 221 -12.31 -1.19 -40.14
C GLY B 221 -11.45 -1.73 -39.01
N PHE B 222 -12.00 -1.83 -37.82
CA PHE B 222 -11.17 -2.13 -36.65
C PHE B 222 -10.87 -3.60 -36.49
N LEU B 223 -11.59 -4.47 -37.17
CA LEU B 223 -11.26 -5.90 -37.20
C LEU B 223 -10.47 -6.35 -38.43
N GLU B 224 -10.02 -5.42 -39.27
CA GLU B 224 -9.26 -5.82 -40.43
C GLU B 224 -7.97 -6.44 -39.93
N PRO B 225 -7.35 -7.33 -40.76
CA PRO B 225 -6.19 -8.05 -40.32
C PRO B 225 -4.97 -7.12 -40.25
N GLY B 226 -4.14 -7.32 -39.22
CA GLY B 226 -3.01 -6.45 -39.01
C GLY B 226 -3.38 -5.16 -38.29
N MET B 227 -4.66 -4.94 -37.97
CA MET B 227 -5.06 -3.73 -37.22
C MET B 227 -4.95 -4.01 -35.72
N GLN B 228 -4.06 -3.31 -35.05
CA GLN B 228 -3.96 -3.41 -33.62
C GLN B 228 -4.66 -2.21 -33.02
N ILE B 229 -5.75 -2.50 -32.33
CA ILE B 229 -6.51 -1.45 -31.66
C ILE B 229 -6.77 -1.89 -30.22
N ALA B 230 -6.45 -1.03 -29.27
CA ALA B 230 -6.63 -1.35 -27.87
C ALA B 230 -6.72 -0.08 -27.02
N THR B 231 -7.56 -0.20 -26.01
CA THR B 231 -7.91 0.92 -25.13
C THR B 231 -6.73 1.15 -24.19
N ILE B 232 -6.34 2.41 -24.06
CA ILE B 232 -5.37 2.81 -23.11
C ILE B 232 -6.13 3.25 -21.86
N ASP B 233 -7.00 4.25 -22.03
CA ASP B 233 -7.73 4.81 -20.92
C ASP B 233 -9.16 5.09 -21.28
N HIS B 234 -10.01 5.08 -20.26
CA HIS B 234 -11.46 5.35 -20.43
C HIS B 234 -11.97 6.13 -19.22
N SER B 235 -12.58 7.29 -19.48
CA SER B 235 -13.13 8.13 -18.41
C SER B 235 -14.52 8.63 -18.74
N MET B 236 -15.28 8.89 -17.70
CA MET B 236 -16.67 9.16 -17.87
C MET B 236 -17.20 10.05 -16.75
N TRP B 237 -18.21 10.87 -17.07
CA TRP B 237 -18.86 11.78 -16.17
C TRP B 237 -20.36 11.58 -16.27
N PHE B 238 -21.01 11.24 -15.15
CA PHE B 238 -22.44 11.03 -15.17
C PHE B 238 -23.07 12.35 -14.71
N HIS B 239 -23.51 13.15 -15.66
CA HIS B 239 -23.97 14.52 -15.35
C HIS B 239 -25.33 14.47 -14.68
N ARG B 240 -26.15 13.51 -15.12
CA ARG B 240 -27.56 13.55 -14.84
C ARG B 240 -28.19 12.16 -14.82
N PRO B 241 -29.23 11.98 -13.98
CA PRO B 241 -29.98 10.72 -13.91
C PRO B 241 -30.63 10.35 -15.25
N PHE B 242 -30.89 9.07 -15.45
CA PHE B 242 -31.34 8.57 -16.73
C PHE B 242 -31.86 7.14 -16.56
N ARG B 243 -32.45 6.61 -17.64
CA ARG B 243 -32.80 5.18 -17.70
C ARG B 243 -32.28 4.61 -18.99
N LEU B 244 -31.87 3.36 -18.94
CA LEU B 244 -31.26 2.75 -20.05
C LEU B 244 -32.25 1.77 -20.73
N ASP B 245 -33.47 1.66 -20.18
CA ASP B 245 -34.56 0.95 -20.91
C ASP B 245 -35.45 1.87 -21.79
N ASP B 246 -34.99 3.10 -22.03
CA ASP B 246 -35.50 3.85 -23.17
C ASP B 246 -34.28 4.21 -24.00
N TRP B 247 -34.49 4.66 -25.24
CA TRP B 247 -33.42 4.94 -26.13
C TRP B 247 -32.54 6.12 -25.66
N LEU B 248 -31.22 5.93 -25.74
CA LEU B 248 -30.20 6.97 -25.53
C LEU B 248 -29.41 7.09 -26.80
N LEU B 249 -28.87 8.28 -27.03
CA LEU B 249 -27.96 8.55 -28.14
C LEU B 249 -26.49 8.77 -27.74
N TYR B 250 -25.64 7.84 -28.18
CA TYR B 250 -24.22 8.01 -28.07
C TYR B 250 -23.69 8.78 -29.24
N ALA B 251 -23.22 10.00 -29.02
CA ALA B 251 -22.59 10.79 -30.07
C ALA B 251 -21.10 10.82 -29.87
N VAL B 252 -20.40 10.29 -30.85
CA VAL B 252 -18.96 10.20 -30.76
C VAL B 252 -18.24 11.00 -31.81
N GLU B 253 -17.13 11.59 -31.39
CA GLU B 253 -16.26 12.25 -32.32
C GLU B 253 -14.83 11.79 -32.02
N SER B 254 -14.00 11.70 -33.06
CA SER B 254 -12.61 11.58 -32.89
C SER B 254 -11.95 12.86 -33.29
N THR B 255 -11.62 13.69 -32.30
CA THR B 255 -10.96 14.94 -32.56
C THR B 255 -9.54 14.83 -32.99
N SER B 256 -8.90 13.65 -32.79
CA SER B 256 -7.48 13.53 -33.05
C SER B 256 -6.97 12.09 -33.17
N ALA B 257 -5.97 11.93 -34.05
CA ALA B 257 -5.12 10.73 -34.05
C ALA B 257 -3.69 11.14 -34.33
N SER B 258 -2.75 10.45 -33.68
CA SER B 258 -1.32 10.77 -33.80
C SER B 258 -0.48 9.77 -33.00
N GLY B 259 0.75 9.51 -33.45
CA GLY B 259 1.71 8.78 -32.62
C GLY B 259 1.36 7.31 -32.40
N ALA B 260 0.55 6.77 -33.28
CA ALA B 260 -0.11 5.47 -33.10
C ALA B 260 -1.21 5.43 -32.03
N ARG B 261 -1.66 6.60 -31.55
CA ARG B 261 -2.86 6.71 -30.72
C ARG B 261 -4.09 7.34 -31.44
N GLY B 262 -5.26 6.97 -30.95
CA GLY B 262 -6.55 7.48 -31.44
C GLY B 262 -7.32 7.96 -30.22
N PHE B 263 -7.95 9.14 -30.34
CA PHE B 263 -8.61 9.81 -29.22
C PHE B 263 -10.06 10.08 -29.59
N VAL B 264 -10.97 9.68 -28.71
CA VAL B 264 -12.39 9.91 -28.94
C VAL B 264 -13.04 10.58 -27.76
N ARG B 265 -13.96 11.49 -28.09
CA ARG B 265 -14.85 12.08 -27.06
C ARG B 265 -16.29 11.72 -27.33
N GLY B 266 -17.01 11.37 -26.29
CA GLY B 266 -18.40 10.99 -26.42
C GLY B 266 -19.35 11.77 -25.49
N GLN B 267 -20.61 11.90 -25.93
CA GLN B 267 -21.70 12.48 -25.16
C GLN B 267 -22.98 11.64 -25.34
N ILE B 268 -23.66 11.35 -24.24
CA ILE B 268 -24.81 10.46 -24.24
C ILE B 268 -26.06 11.25 -23.85
N TYR B 269 -26.99 11.37 -24.81
CA TYR B 269 -28.24 12.08 -24.60
C TYR B 269 -29.39 11.08 -24.50
N ASN B 270 -30.43 11.43 -23.76
CA ASN B 270 -31.71 10.72 -23.87
C ASN B 270 -32.59 11.23 -25.02
N ARG B 271 -33.71 10.55 -25.26
CA ARG B 271 -34.55 10.88 -26.42
C ARG B 271 -35.03 12.33 -26.36
N GLU B 272 -35.26 12.84 -25.15
CA GLU B 272 -35.66 14.26 -24.96
C GLU B 272 -34.51 15.27 -25.12
N GLY B 273 -33.30 14.81 -25.38
CA GLY B 273 -32.18 15.78 -25.59
C GLY B 273 -31.37 16.15 -24.34
N VAL B 274 -31.71 15.57 -23.22
CA VAL B 274 -30.98 15.82 -21.99
C VAL B 274 -29.57 15.21 -22.13
N LEU B 275 -28.56 16.01 -21.82
CA LEU B 275 -27.20 15.50 -21.72
C LEU B 275 -27.06 14.72 -20.43
N VAL B 276 -26.73 13.44 -20.59
CA VAL B 276 -26.76 12.50 -19.51
C VAL B 276 -25.35 12.10 -19.04
N ALA B 277 -24.45 11.85 -19.97
CA ALA B 277 -23.06 11.52 -19.62
C ALA B 277 -22.08 11.88 -20.71
N SER B 278 -20.86 12.14 -20.28
CA SER B 278 -19.75 12.46 -21.15
C SER B 278 -18.62 11.42 -20.96
N THR B 279 -17.98 11.05 -22.05
CA THR B 279 -16.90 10.06 -22.05
C THR B 279 -15.68 10.53 -22.87
N VAL B 280 -14.52 10.04 -22.46
CA VAL B 280 -13.27 10.30 -23.14
C VAL B 280 -12.46 9.02 -23.11
N GLN B 281 -11.94 8.58 -24.25
CA GLN B 281 -11.01 7.45 -24.29
C GLN B 281 -9.86 7.68 -25.25
N GLU B 282 -8.68 7.19 -24.90
CA GLU B 282 -7.55 7.17 -25.84
C GLU B 282 -7.11 5.73 -26.07
N GLY B 283 -6.78 5.36 -27.31
CA GLY B 283 -6.32 4.01 -27.58
C GLY B 283 -5.16 3.90 -28.53
N VAL B 284 -4.54 2.72 -28.54
CA VAL B 284 -3.57 2.35 -29.56
C VAL B 284 -4.30 2.00 -30.85
N ILE B 285 -3.97 2.62 -31.96
CA ILE B 285 -4.52 2.16 -33.22
C ILE B 285 -3.38 2.03 -34.24
N ARG B 286 -2.92 0.82 -34.43
CA ARG B 286 -1.69 0.63 -35.12
C ARG B 286 -1.92 -0.39 -36.18
N LEU B 287 -1.59 -0.06 -37.42
CA LEU B 287 -1.73 -1.00 -38.53
C LEU B 287 -0.46 -1.80 -38.62
N HIS B 288 -0.56 -3.12 -38.51
CA HIS B 288 0.59 -4.00 -38.73
C HIS B 288 0.54 -4.59 -40.14
N SER C 5 12.87 35.89 -18.55
CA SER C 5 12.18 36.77 -17.53
C SER C 5 11.96 36.10 -16.16
N GLN C 6 11.85 36.93 -15.11
CA GLN C 6 11.96 36.48 -13.71
C GLN C 6 10.80 35.62 -13.17
N ALA C 7 9.56 36.03 -13.42
CA ALA C 7 8.39 35.23 -12.98
C ALA C 7 8.36 33.83 -13.62
N LEU C 8 8.84 33.75 -14.85
CA LEU C 8 8.91 32.51 -15.55
C LEU C 8 9.99 31.67 -14.97
N GLU C 9 11.13 32.30 -14.75
CA GLU C 9 12.30 31.60 -14.20
C GLU C 9 11.95 31.02 -12.81
N LYS C 10 11.17 31.75 -12.03
CA LYS C 10 10.77 31.26 -10.72
C LYS C 10 9.84 30.05 -10.87
N LEU C 11 8.83 30.18 -11.73
CA LEU C 11 7.92 29.09 -11.97
C LEU C 11 8.69 27.85 -12.36
N LEU C 12 9.57 27.98 -13.34
CA LEU C 12 10.24 26.83 -13.90
C LEU C 12 11.16 26.13 -12.88
N ASP C 13 11.73 26.90 -11.96
CA ASP C 13 12.59 26.33 -10.94
C ASP C 13 11.74 25.57 -9.92
N LEU C 14 10.57 26.13 -9.62
CA LEU C 14 9.57 25.50 -8.77
C LEU C 14 9.04 24.17 -9.38
N LEU C 15 9.10 24.01 -10.70
CA LEU C 15 8.65 22.80 -11.39
C LEU C 15 9.83 21.87 -11.58
N ASP C 16 11.02 22.34 -11.19
CA ASP C 16 12.21 21.52 -11.22
C ASP C 16 12.37 20.94 -9.79
N LEU C 17 11.84 19.73 -9.58
CA LEU C 17 11.65 19.17 -8.23
C LEU C 17 12.93 18.70 -7.52
N GLU C 18 13.02 18.98 -6.23
CA GLU C 18 14.10 18.44 -5.38
C GLU C 18 13.90 16.90 -5.23
N LYS C 19 14.90 16.13 -5.65
CA LYS C 19 14.90 14.72 -5.42
C LYS C 19 15.19 14.36 -3.93
N ILE C 20 14.45 13.38 -3.45
CA ILE C 20 14.64 12.82 -2.11
C ILE C 20 15.12 11.38 -2.27
N GLU C 21 14.61 10.68 -3.29
CA GLU C 21 14.95 9.29 -3.51
C GLU C 21 14.34 8.89 -4.85
N GLU C 22 14.66 7.71 -5.34
CA GLU C 22 14.02 7.23 -6.54
C GLU C 22 12.50 7.27 -6.34
N GLY C 23 11.77 7.96 -7.20
CA GLY C 23 10.32 8.10 -7.05
C GLY C 23 9.82 8.86 -5.84
N ILE C 24 10.69 9.66 -5.22
CA ILE C 24 10.27 10.54 -4.15
C ILE C 24 10.90 11.93 -4.29
N PHE C 25 10.05 12.96 -4.29
CA PHE C 25 10.44 14.32 -4.65
C PHE C 25 9.76 15.31 -3.74
N ARG C 26 10.42 16.43 -3.48
CA ARG C 26 9.80 17.55 -2.76
C ARG C 26 9.65 18.74 -3.68
N GLY C 27 8.52 19.40 -3.60
CA GLY C 27 8.28 20.55 -4.44
C GLY C 27 7.88 21.67 -3.53
N GLN C 28 8.41 22.85 -3.80
CA GLN C 28 8.02 24.06 -3.06
C GLN C 28 6.76 24.63 -3.65
N SER C 29 5.99 25.35 -2.85
CA SER C 29 4.80 25.98 -3.39
C SER C 29 5.08 27.42 -3.77
N GLU C 30 4.17 27.99 -4.55
CA GLU C 30 4.33 29.35 -5.05
C GLU C 30 4.22 30.32 -3.90
N ASP C 31 5.02 31.39 -3.99
CA ASP C 31 5.01 32.52 -3.03
C ASP C 31 3.95 33.55 -3.48
N LEU C 32 2.69 33.24 -3.20
CA LEU C 32 1.56 34.09 -3.55
C LEU C 32 0.67 34.18 -2.33
N GLY C 33 0.13 35.37 -2.09
CA GLY C 33 -0.67 35.63 -0.91
C GLY C 33 -2.04 35.01 -1.03
N LEU C 34 -2.09 33.67 -1.04
CA LEU C 34 -3.34 32.93 -1.07
C LEU C 34 -3.18 31.75 -0.15
N ARG C 35 -4.27 31.30 0.46
CA ARG C 35 -4.22 30.16 1.37
C ARG C 35 -3.72 28.89 0.66
N GLN C 36 -4.26 28.62 -0.52
CA GLN C 36 -4.11 27.30 -1.13
C GLN C 36 -3.37 27.32 -2.45
N VAL C 37 -2.70 26.21 -2.69
CA VAL C 37 -1.89 26.04 -3.84
C VAL C 37 -2.78 26.14 -5.08
N PHE C 38 -2.20 26.59 -6.18
CA PHE C 38 -2.88 26.62 -7.44
C PHE C 38 -2.82 25.21 -8.05
N GLY C 39 -3.96 24.69 -8.48
CA GLY C 39 -4.03 23.31 -9.04
C GLY C 39 -2.97 23.02 -10.09
N GLY C 40 -2.70 23.99 -10.95
CA GLY C 40 -1.69 23.84 -11.97
C GLY C 40 -0.32 23.55 -11.43
N GLN C 41 -0.02 24.11 -10.26
CA GLN C 41 1.26 23.82 -9.64
C GLN C 41 1.37 22.33 -9.39
N VAL C 42 0.36 21.80 -8.71
CA VAL C 42 0.36 20.37 -8.34
C VAL C 42 0.45 19.48 -9.56
N VAL C 43 -0.40 19.80 -10.54
CA VAL C 43 -0.35 19.17 -11.86
C VAL C 43 1.06 19.16 -12.45
N GLY C 44 1.68 20.34 -12.54
CA GLY C 44 2.98 20.44 -13.24
C GLY C 44 4.07 19.67 -12.52
N GLN C 45 4.13 19.85 -11.22
CA GLN C 45 5.11 19.13 -10.39
C GLN C 45 4.86 17.60 -10.49
N ALA C 46 3.60 17.15 -10.41
CA ALA C 46 3.36 15.70 -10.44
C ALA C 46 3.84 15.07 -11.72
N ILE C 47 3.71 15.78 -12.85
CA ILE C 47 4.22 15.27 -14.12
C ILE C 47 5.76 15.16 -14.12
N TYR C 48 6.43 16.16 -13.58
CA TYR C 48 7.91 16.09 -13.47
C TYR C 48 8.30 14.82 -12.72
N ALA C 49 7.64 14.65 -11.55
CA ALA C 49 7.86 13.53 -10.67
C ALA C 49 7.70 12.21 -11.39
N ALA C 50 6.59 12.04 -12.11
CA ALA C 50 6.37 10.83 -12.88
C ALA C 50 7.42 10.68 -13.96
N LYS C 51 7.68 11.77 -14.70
CA LYS C 51 8.64 11.66 -15.82
C LYS C 51 10.04 11.22 -15.36
N GLN C 52 10.43 11.48 -14.12
CA GLN C 52 11.80 11.02 -13.71
C GLN C 52 11.91 9.48 -13.63
N THR C 53 10.80 8.74 -13.58
CA THR C 53 10.82 7.29 -13.24
C THR C 53 10.50 6.49 -14.44
N VAL C 54 10.38 7.16 -15.57
CA VAL C 54 10.11 6.57 -16.83
C VAL C 54 11.40 6.56 -17.71
N PRO C 55 11.52 5.58 -18.60
CA PRO C 55 12.60 5.53 -19.60
C PRO C 55 12.73 6.83 -20.38
N ALA C 56 13.97 7.25 -20.63
CA ALA C 56 14.26 8.55 -21.20
C ALA C 56 13.46 8.88 -22.48
N GLU C 57 13.24 7.89 -23.34
CA GLU C 57 12.61 8.08 -24.67
C GLU C 57 11.05 8.01 -24.65
N ARG C 58 10.48 8.05 -23.46
CA ARG C 58 9.05 7.87 -23.28
C ARG C 58 8.52 9.16 -22.70
N THR C 59 7.68 9.87 -23.48
CA THR C 59 7.15 11.18 -23.07
C THR C 59 5.66 11.09 -22.77
N VAL C 60 5.19 11.99 -21.92
CA VAL C 60 3.84 11.88 -21.40
C VAL C 60 2.85 12.07 -22.54
N HIS C 61 1.87 11.18 -22.66
CA HIS C 61 0.77 11.41 -23.57
C HIS C 61 -0.61 11.58 -22.93
N SER C 62 -0.74 11.25 -21.64
CA SER C 62 -2.01 11.43 -20.95
C SER C 62 -1.85 11.38 -19.44
N PHE C 63 -2.80 12.00 -18.76
CA PHE C 63 -2.98 11.80 -17.32
C PHE C 63 -4.39 12.12 -16.89
N HIS C 64 -4.77 11.52 -15.78
CA HIS C 64 -5.97 11.79 -15.06
C HIS C 64 -5.53 12.12 -13.66
N SER C 65 -6.27 13.05 -13.02
CA SER C 65 -6.01 13.36 -11.61
C SER C 65 -7.29 13.69 -10.84
N TYR C 66 -7.27 13.41 -9.54
CA TYR C 66 -8.26 13.88 -8.59
C TYR C 66 -7.64 14.70 -7.45
N PHE C 67 -8.29 15.80 -7.10
CA PHE C 67 -7.90 16.63 -5.95
C PHE C 67 -8.72 16.21 -4.75
N LEU C 68 -8.05 15.81 -3.69
CA LEU C 68 -8.74 15.34 -2.52
C LEU C 68 -8.88 16.40 -1.44
N ARG C 69 -7.89 17.28 -1.34
CA ARG C 69 -7.89 18.29 -0.31
C ARG C 69 -7.16 19.46 -0.90
N PRO C 70 -7.45 20.67 -0.42
CA PRO C 70 -6.66 21.83 -0.79
C PRO C 70 -5.26 21.70 -0.21
N GLY C 71 -4.25 22.03 -1.01
CA GLY C 71 -2.86 22.08 -0.58
C GLY C 71 -2.52 23.42 0.04
N ASP C 72 -1.83 23.38 1.17
CA ASP C 72 -1.44 24.59 1.89
C ASP C 72 -0.19 25.16 1.22
N SER C 73 -0.29 26.39 0.73
CA SER C 73 0.80 27.02 -0.03
C SER C 73 1.97 27.51 0.80
N SER C 74 1.81 27.50 2.11
CA SER C 74 2.91 27.81 3.00
C SER C 74 3.79 26.59 3.27
N LYS C 75 3.52 25.47 2.60
CA LYS C 75 4.33 24.28 2.79
C LYS C 75 4.70 23.59 1.49
N PRO C 76 5.80 22.83 1.51
CA PRO C 76 6.13 22.06 0.34
C PRO C 76 5.18 20.86 0.21
N ILE C 77 5.30 20.15 -0.90
CA ILE C 77 4.47 18.98 -1.15
C ILE C 77 5.38 17.84 -1.53
N ILE C 78 5.10 16.66 -0.99
CA ILE C 78 5.88 15.53 -1.35
C ILE C 78 5.18 14.73 -2.44
N TYR C 79 5.96 14.35 -3.43
CA TYR C 79 5.44 13.65 -4.55
C TYR C 79 6.05 12.27 -4.58
N ASP C 80 5.22 11.26 -4.35
CA ASP C 80 5.66 9.88 -4.33
C ASP C 80 5.15 9.20 -5.55
N VAL C 81 6.02 8.47 -6.24
CA VAL C 81 5.69 7.84 -7.51
C VAL C 81 5.74 6.30 -7.49
N GLU C 82 4.59 5.66 -7.72
CA GLU C 82 4.53 4.23 -7.92
C GLU C 82 4.62 3.83 -9.42
N THR C 83 5.49 2.87 -9.67
CA THR C 83 5.61 2.26 -10.99
C THR C 83 4.49 1.24 -11.20
N LEU C 84 3.60 1.50 -12.16
CA LEU C 84 2.48 0.63 -12.39
C LEU C 84 2.75 -0.39 -13.44
N ARG C 85 3.42 0.01 -14.53
CA ARG C 85 3.67 -0.88 -15.66
C ARG C 85 4.75 -0.33 -16.64
N ASP C 86 5.56 -1.24 -17.20
CA ASP C 86 6.52 -0.90 -18.25
C ASP C 86 6.38 -1.88 -19.40
N GLY C 87 5.55 -1.52 -20.36
CA GLY C 87 5.23 -2.35 -21.50
C GLY C 87 6.18 -2.07 -22.63
N ASN C 88 5.88 -2.70 -23.75
CA ASN C 88 6.65 -2.57 -24.99
C ASN C 88 6.79 -1.17 -25.45
N SER C 89 5.71 -0.39 -25.34
CA SER C 89 5.69 1.03 -25.71
C SER C 89 5.24 2.01 -24.59
N PHE C 90 4.40 1.56 -23.68
CA PHE C 90 3.79 2.44 -22.70
C PHE C 90 4.28 2.12 -21.30
N SER C 91 4.52 3.17 -20.54
CA SER C 91 4.82 3.12 -19.14
C SER C 91 3.78 3.92 -18.41
N ALA C 92 3.29 3.41 -17.27
CA ALA C 92 2.30 4.13 -16.45
C ALA C 92 2.78 4.30 -14.98
N ARG C 93 2.51 5.49 -14.43
CA ARG C 93 2.93 5.85 -13.12
C ARG C 93 1.84 6.53 -12.35
N ARG C 94 1.75 6.24 -11.08
CA ARG C 94 0.80 6.90 -10.19
C ARG C 94 1.50 7.80 -9.20
N VAL C 95 1.20 9.10 -9.23
CA VAL C 95 1.82 10.07 -8.34
C VAL C 95 0.88 10.47 -7.21
N SER C 96 1.31 10.26 -5.96
CA SER C 96 0.56 10.78 -4.81
C SER C 96 1.18 12.11 -4.31
N ALA C 97 0.36 13.13 -4.12
CA ALA C 97 0.80 14.39 -3.59
C ALA C 97 0.42 14.45 -2.13
N ILE C 98 1.44 14.53 -1.27
CA ILE C 98 1.24 14.35 0.17
C ILE C 98 1.65 15.62 0.88
N GLN C 99 0.73 16.15 1.65
CA GLN C 99 0.99 17.24 2.53
C GLN C 99 0.38 16.93 3.85
N ASN C 100 1.12 17.27 4.90
CA ASN C 100 0.62 17.16 6.29
C ASN C 100 0.18 15.74 6.61
N GLY C 101 0.95 14.78 6.13
CA GLY C 101 0.68 13.37 6.37
C GLY C 101 -0.43 12.79 5.52
N LYS C 102 -1.19 13.64 4.82
CA LYS C 102 -2.37 13.20 4.11
C LYS C 102 -2.21 13.35 2.60
N PRO C 103 -2.88 12.49 1.80
CA PRO C 103 -2.81 12.73 0.39
C PRO C 103 -3.78 13.85 -0.02
N ILE C 104 -3.30 14.74 -0.88
CA ILE C 104 -4.15 15.88 -1.35
C ILE C 104 -4.55 15.79 -2.78
N PHE C 105 -3.97 14.87 -3.54
CA PHE C 105 -4.10 14.84 -5.02
C PHE C 105 -3.47 13.51 -5.47
N TYR C 106 -4.03 12.89 -6.47
CA TYR C 106 -3.45 11.72 -7.06
C TYR C 106 -3.50 11.90 -8.55
N MET C 107 -2.41 11.57 -9.27
CA MET C 107 -2.40 11.57 -10.74
C MET C 107 -1.90 10.20 -11.22
N THR C 108 -2.53 9.65 -12.26
CA THR C 108 -1.91 8.53 -12.99
C THR C 108 -1.61 8.98 -14.40
N ALA C 109 -0.34 8.90 -14.80
CA ALA C 109 0.11 9.36 -16.12
C ALA C 109 0.67 8.22 -16.92
N SER C 110 0.46 8.29 -18.22
CA SER C 110 1.01 7.32 -19.14
C SER C 110 1.98 7.96 -20.13
N PHE C 111 3.00 7.21 -20.50
CA PHE C 111 4.13 7.75 -21.26
C PHE C 111 4.43 6.79 -22.39
N GLN C 112 4.74 7.28 -23.60
CA GLN C 112 4.99 6.44 -24.78
C GLN C 112 6.21 6.93 -25.58
N SER C 113 6.90 6.04 -26.30
CA SER C 113 7.97 6.45 -27.20
C SER C 113 7.33 6.99 -28.49
N GLN C 114 7.93 8.02 -29.05
CA GLN C 114 7.39 8.65 -30.25
C GLN C 114 7.54 7.64 -31.38
N GLU C 115 6.51 7.64 -32.22
CA GLU C 115 6.23 6.58 -33.16
C GLU C 115 5.45 7.30 -34.27
N GLU C 116 5.42 6.75 -35.48
CA GLU C 116 4.66 7.36 -36.56
C GLU C 116 3.38 6.60 -36.71
N GLY C 117 2.26 7.31 -36.87
CA GLY C 117 0.99 6.65 -37.12
C GLY C 117 -0.05 7.56 -37.75
N PHE C 118 -1.27 7.07 -37.82
CA PHE C 118 -2.36 7.80 -38.36
C PHE C 118 -2.48 9.19 -37.77
N GLU C 119 -2.65 10.19 -38.64
CA GLU C 119 -2.80 11.58 -38.28
C GLU C 119 -4.14 12.13 -38.76
N HIS C 120 -4.88 12.74 -37.82
CA HIS C 120 -5.95 13.66 -38.15
C HIS C 120 -6.24 14.53 -36.93
N GLN C 121 -6.92 15.65 -37.16
CA GLN C 121 -7.36 16.51 -36.06
C GLN C 121 -8.57 17.35 -36.47
N ASN C 122 -9.37 17.77 -35.50
CA ASN C 122 -10.44 18.70 -35.79
C ASN C 122 -9.83 20.07 -36.15
N THR C 123 -10.67 21.09 -36.32
CA THR C 123 -10.19 22.37 -36.77
C THR C 123 -10.25 23.41 -35.71
N MET C 124 -9.16 24.15 -35.59
CA MET C 124 -9.08 25.25 -34.67
C MET C 124 -10.23 26.26 -34.89
N PRO C 125 -10.92 26.67 -33.80
CA PRO C 125 -11.89 27.76 -33.96
C PRO C 125 -11.30 29.04 -34.55
N ASP C 126 -12.14 29.73 -35.32
CA ASP C 126 -11.72 30.94 -36.00
C ASP C 126 -11.80 32.08 -34.99
N VAL C 127 -10.66 32.65 -34.64
CA VAL C 127 -10.59 33.67 -33.63
C VAL C 127 -9.59 34.73 -34.07
N PRO C 128 -9.69 35.95 -33.50
CA PRO C 128 -8.70 36.97 -33.79
C PRO C 128 -7.29 36.64 -33.27
N PRO C 129 -6.24 37.20 -33.90
CA PRO C 129 -4.87 36.93 -33.44
C PRO C 129 -4.54 37.55 -32.07
N PRO C 130 -3.42 37.15 -31.47
CA PRO C 130 -3.07 37.77 -30.20
C PRO C 130 -2.65 39.24 -30.33
N GLU C 131 -2.24 39.65 -31.53
CA GLU C 131 -1.62 40.96 -31.74
C GLU C 131 -2.48 42.13 -31.37
N GLY C 132 -3.78 42.03 -31.62
CA GLY C 132 -4.70 43.10 -31.24
C GLY C 132 -5.12 43.11 -29.77
N LEU C 133 -4.92 42.00 -29.06
CA LEU C 133 -5.59 41.83 -27.78
C LEU C 133 -4.74 42.32 -26.62
N MET C 134 -5.39 42.83 -25.58
CA MET C 134 -4.71 43.23 -24.35
C MET C 134 -4.44 41.99 -23.54
N SER C 135 -3.40 42.03 -22.73
CA SER C 135 -3.17 40.94 -21.80
C SER C 135 -4.07 41.09 -20.58
N GLU C 136 -4.20 40.02 -19.81
CA GLU C 136 -4.99 40.05 -18.61
C GLU C 136 -4.42 41.01 -17.60
N THR C 137 -3.11 41.15 -17.57
CA THR C 137 -2.47 42.05 -16.64
C THR C 137 -2.92 43.47 -16.93
N ASP C 138 -2.89 43.86 -18.19
CA ASP C 138 -3.26 45.22 -18.60
C ASP C 138 -4.71 45.50 -18.32
N ILE C 139 -5.55 44.49 -18.55
CA ILE C 139 -6.98 44.61 -18.33
C ILE C 139 -7.27 44.72 -16.84
N ALA C 140 -6.61 43.89 -16.06
CA ALA C 140 -6.92 43.79 -14.65
C ALA C 140 -6.47 44.99 -13.82
N ARG C 141 -5.45 45.68 -14.29
CA ARG C 141 -4.88 46.75 -13.49
C ARG C 141 -5.80 47.96 -13.45
N GLN C 142 -6.72 48.09 -14.41
CA GLN C 142 -7.80 49.09 -14.30
C GLN C 142 -8.51 49.02 -12.95
N PHE C 143 -8.74 47.81 -12.43
CA PHE C 143 -9.47 47.63 -11.18
C PHE C 143 -8.73 46.82 -10.09
N SER C 144 -7.41 46.77 -10.13
CA SER C 144 -6.65 46.16 -9.04
C SER C 144 -6.90 46.87 -7.71
N GLY C 157 1.67 41.32 -10.29
CA GLY C 157 2.66 41.94 -11.18
C GLY C 157 2.76 41.19 -12.49
N PRO C 158 3.97 41.15 -13.09
CA PRO C 158 4.16 40.35 -14.30
C PRO C 158 4.03 38.87 -13.99
N GLN C 159 3.48 38.11 -14.93
CA GLN C 159 3.07 36.74 -14.70
C GLN C 159 3.89 35.81 -15.55
N PRO C 160 4.06 34.55 -15.11
CA PRO C 160 4.99 33.68 -15.84
C PRO C 160 4.48 33.31 -17.22
N ILE C 161 3.16 33.30 -17.38
CA ILE C 161 2.50 33.04 -18.63
C ILE C 161 1.60 34.24 -18.98
N GLU C 162 1.87 34.84 -20.13
CA GLU C 162 1.11 35.98 -20.55
C GLU C 162 -0.16 35.46 -21.17
N MET C 163 -1.29 36.06 -20.81
CA MET C 163 -2.59 35.67 -21.36
C MET C 163 -3.41 36.81 -22.02
N ARG C 164 -3.93 36.54 -23.23
CA ARG C 164 -4.74 37.51 -23.98
C ARG C 164 -6.13 36.96 -24.30
N PRO C 165 -7.15 37.33 -23.50
CA PRO C 165 -8.48 36.75 -23.69
C PRO C 165 -9.11 37.32 -24.96
N VAL C 166 -9.92 36.52 -25.66
CA VAL C 166 -10.58 36.99 -26.89
C VAL C 166 -11.74 37.86 -26.46
N LYS C 167 -12.39 37.43 -25.39
CA LYS C 167 -13.36 38.22 -24.68
C LYS C 167 -13.08 38.08 -23.18
N PHE C 168 -13.04 39.21 -22.50
CA PHE C 168 -12.73 39.24 -21.08
C PHE C 168 -13.96 38.99 -20.20
N HIS C 169 -13.88 37.97 -19.36
CA HIS C 169 -14.95 37.63 -18.44
C HIS C 169 -14.56 38.03 -17.03
N ASN C 170 -15.17 39.12 -16.55
CA ASN C 170 -14.85 39.70 -15.25
C ASN C 170 -15.12 38.74 -14.10
N PRO C 171 -14.09 38.34 -13.38
CA PRO C 171 -14.25 37.44 -12.25
C PRO C 171 -15.01 38.04 -11.10
N LEU C 172 -15.27 39.33 -11.15
CA LEU C 172 -15.97 40.03 -10.08
C LEU C 172 -17.37 40.55 -10.43
N GLN C 173 -17.72 40.48 -11.71
CA GLN C 173 -19.03 40.95 -12.14
C GLN C 173 -19.42 40.11 -13.35
N GLY C 174 -20.15 39.04 -13.08
CA GLY C 174 -20.51 38.10 -14.11
C GLY C 174 -21.70 38.58 -14.89
N SER C 175 -21.69 38.28 -16.20
CA SER C 175 -22.83 38.50 -17.08
C SER C 175 -23.26 37.17 -17.74
N VAL C 176 -24.55 37.04 -18.04
CA VAL C 176 -25.06 35.84 -18.67
C VAL C 176 -24.51 35.74 -20.07
N GLU C 177 -23.70 34.70 -20.30
CA GLU C 177 -22.89 34.54 -21.51
C GLU C 177 -22.94 33.10 -21.98
N GLU C 178 -22.60 32.88 -23.21
CA GLU C 178 -22.48 31.54 -23.71
C GLU C 178 -21.33 30.78 -22.95
N PRO C 179 -21.46 29.45 -22.79
CA PRO C 179 -20.47 28.73 -22.04
C PRO C 179 -19.17 28.46 -22.80
N ASN C 180 -18.59 29.48 -23.41
CA ASN C 180 -17.37 29.34 -24.18
C ASN C 180 -16.38 30.43 -23.83
N ARG C 181 -15.10 30.11 -23.99
CA ARG C 181 -14.00 31.03 -23.71
C ARG C 181 -12.79 30.65 -24.58
N TYR C 182 -12.14 31.65 -25.14
CA TYR C 182 -10.96 31.47 -25.96
C TYR C 182 -9.82 32.40 -25.51
N VAL C 183 -8.69 31.85 -25.07
CA VAL C 183 -7.61 32.69 -24.57
C VAL C 183 -6.26 32.32 -25.20
N TRP C 184 -5.53 33.30 -25.73
CA TRP C 184 -4.17 33.10 -26.22
C TRP C 184 -3.20 33.18 -25.05
N PHE C 185 -2.17 32.36 -25.07
CA PHE C 185 -1.19 32.37 -23.99
C PHE C 185 0.17 31.91 -24.50
N ARG C 186 1.21 32.40 -23.84
CA ARG C 186 2.58 32.17 -24.21
C ARG C 186 3.44 32.34 -22.97
N ALA C 187 4.49 31.53 -22.83
CA ALA C 187 5.45 31.73 -21.75
C ALA C 187 6.08 33.13 -21.79
N ASN C 188 6.08 33.82 -20.65
CA ASN C 188 6.59 35.17 -20.55
C ASN C 188 8.10 35.10 -20.35
N GLY C 189 8.80 34.80 -21.44
CA GLY C 189 10.23 34.56 -21.36
C GLY C 189 10.72 33.54 -22.37
N LYS C 190 12.01 33.22 -22.27
CA LYS C 190 12.62 32.28 -23.22
C LYS C 190 12.68 30.96 -22.49
N MET C 191 12.25 29.92 -23.18
CA MET C 191 12.18 28.59 -22.64
C MET C 191 13.35 27.81 -23.17
N PRO C 192 13.79 26.79 -22.41
CA PRO C 192 14.80 25.87 -22.93
C PRO C 192 14.24 25.07 -24.07
N ASP C 193 15.09 24.48 -24.89
CA ASP C 193 14.60 23.66 -26.01
C ASP C 193 14.50 22.22 -25.59
N ASP C 194 13.78 21.98 -24.48
CA ASP C 194 13.53 20.64 -23.92
C ASP C 194 12.01 20.42 -23.73
N LEU C 195 11.45 19.55 -24.57
CA LEU C 195 10.02 19.31 -24.59
C LEU C 195 9.42 19.07 -23.19
N ARG C 196 10.17 18.43 -22.32
CA ARG C 196 9.64 18.00 -21.03
C ARG C 196 9.26 19.22 -20.23
N VAL C 197 10.10 20.24 -20.28
CA VAL C 197 9.80 21.44 -19.53
C VAL C 197 8.55 22.13 -20.10
N HIS C 198 8.36 22.11 -21.40
CA HIS C 198 7.18 22.78 -21.97
C HIS C 198 5.88 22.06 -21.57
N GLN C 199 5.95 20.73 -21.57
CA GLN C 199 4.88 19.88 -21.09
C GLN C 199 4.51 20.15 -19.64
N TYR C 200 5.52 20.32 -18.79
CA TYR C 200 5.28 20.62 -17.37
C TYR C 200 4.54 21.93 -17.28
N LEU C 201 5.03 22.94 -17.99
CA LEU C 201 4.37 24.25 -17.98
C LEU C 201 2.97 24.25 -18.63
N LEU C 202 2.75 23.40 -19.61
CA LEU C 202 1.44 23.32 -20.24
C LEU C 202 0.45 22.74 -19.27
N GLY C 203 0.85 21.74 -18.49
CA GLY C 203 -0.04 21.13 -17.53
C GLY C 203 -0.52 22.18 -16.55
N TYR C 204 0.46 22.95 -16.10
CA TYR C 204 0.25 24.09 -15.25
C TYR C 204 -0.67 25.07 -15.91
N ALA C 205 -0.39 25.45 -17.16
CA ALA C 205 -1.23 26.48 -17.84
C ALA C 205 -2.68 26.02 -18.03
N SER C 206 -2.85 24.71 -18.19
CA SER C 206 -4.11 24.14 -18.58
C SER C 206 -5.15 24.32 -17.50
N ASP C 207 -4.73 24.68 -16.29
CA ASP C 207 -5.69 24.92 -15.22
C ASP C 207 -6.05 26.39 -15.03
N PHE C 208 -5.60 27.25 -15.94
CA PHE C 208 -6.03 28.64 -16.00
C PHE C 208 -7.17 28.80 -16.98
N ASN C 209 -8.08 29.71 -16.70
CA ASN C 209 -9.16 30.04 -17.62
C ASN C 209 -9.97 28.83 -18.03
N PHE C 210 -10.27 27.93 -17.08
CA PHE C 210 -10.85 26.65 -17.45
C PHE C 210 -12.17 26.48 -16.76
N LEU C 211 -12.13 26.07 -15.49
CA LEU C 211 -13.33 25.79 -14.78
C LEU C 211 -14.34 26.97 -14.73
N PRO C 212 -13.88 28.22 -14.50
CA PRO C 212 -14.82 29.36 -14.39
C PRO C 212 -15.80 29.48 -15.54
N THR C 213 -15.39 29.02 -16.71
CA THR C 213 -16.22 29.03 -17.90
C THR C 213 -17.57 28.39 -17.67
N ALA C 214 -17.64 27.41 -16.76
CA ALA C 214 -18.92 26.75 -16.44
C ALA C 214 -19.88 27.70 -15.74
N LEU C 215 -19.36 28.82 -15.21
CA LEU C 215 -20.25 29.83 -14.53
C LEU C 215 -20.79 30.88 -15.50
N GLN C 216 -20.36 30.83 -16.76
CA GLN C 216 -20.70 31.89 -17.71
C GLN C 216 -22.18 31.96 -18.06
N PRO C 217 -22.86 30.80 -18.15
CA PRO C 217 -24.28 30.94 -18.44
C PRO C 217 -25.10 31.41 -17.27
N HIS C 218 -24.46 31.58 -16.13
CA HIS C 218 -25.19 31.85 -14.93
C HIS C 218 -24.87 33.22 -14.37
N GLY C 219 -24.17 34.05 -15.17
CA GLY C 219 -23.94 35.45 -14.82
C GLY C 219 -23.38 35.68 -13.44
N ILE C 220 -22.44 34.82 -13.02
CA ILE C 220 -21.67 35.05 -11.82
C ILE C 220 -20.18 34.88 -12.11
N GLY C 221 -19.38 35.91 -11.83
CA GLY C 221 -17.94 35.83 -11.93
C GLY C 221 -17.48 34.96 -10.79
N PHE C 222 -16.38 34.24 -10.98
CA PHE C 222 -15.96 33.21 -9.99
C PHE C 222 -15.38 33.72 -8.68
N LEU C 223 -14.91 34.96 -8.67
CA LEU C 223 -14.41 35.57 -7.45
C LEU C 223 -15.47 36.33 -6.68
N GLU C 224 -16.70 36.26 -7.15
CA GLU C 224 -17.78 36.96 -6.50
C GLU C 224 -18.12 36.29 -5.18
N PRO C 225 -18.48 37.11 -4.18
CA PRO C 225 -18.78 36.70 -2.79
C PRO C 225 -19.89 35.64 -2.69
N GLY C 226 -19.65 34.63 -1.86
CA GLY C 226 -20.50 33.46 -1.78
C GLY C 226 -20.24 32.36 -2.81
N MET C 227 -19.41 32.61 -3.80
CA MET C 227 -19.18 31.60 -4.85
C MET C 227 -18.12 30.61 -4.39
N GLN C 228 -18.54 29.37 -4.15
CA GLN C 228 -17.61 28.30 -3.85
C GLN C 228 -17.28 27.53 -5.13
N ILE C 229 -16.04 27.63 -5.58
CA ILE C 229 -15.58 26.92 -6.78
C ILE C 229 -14.27 26.15 -6.50
N ALA C 230 -14.29 24.84 -6.77
CA ALA C 230 -13.14 23.99 -6.51
C ALA C 230 -12.99 22.85 -7.54
N THR C 231 -11.79 22.67 -8.08
CA THR C 231 -11.54 21.53 -8.98
C THR C 231 -11.75 20.18 -8.30
N ILE C 232 -12.54 19.31 -8.91
CA ILE C 232 -12.64 17.88 -8.49
C ILE C 232 -11.60 17.03 -9.20
N ASP C 233 -11.68 16.99 -10.52
CA ASP C 233 -10.69 16.27 -11.33
C ASP C 233 -10.12 17.12 -12.47
N HIS C 234 -8.92 16.77 -12.92
CA HIS C 234 -8.31 17.37 -14.10
C HIS C 234 -7.55 16.31 -14.90
N SER C 235 -7.84 16.22 -16.20
CA SER C 235 -7.20 15.24 -17.04
C SER C 235 -6.80 15.89 -18.35
N MET C 236 -5.80 15.33 -18.99
CA MET C 236 -5.14 15.95 -20.13
C MET C 236 -4.56 14.89 -21.02
N TRP C 237 -4.57 15.18 -22.32
CA TRP C 237 -3.97 14.30 -23.33
C TRP C 237 -3.06 15.11 -24.22
N PHE C 238 -1.76 14.77 -24.26
CA PHE C 238 -0.83 15.48 -25.08
C PHE C 238 -0.75 14.79 -26.43
N HIS C 239 -1.36 15.39 -27.45
CA HIS C 239 -1.43 14.78 -28.79
C HIS C 239 -0.14 14.90 -29.56
N ARG C 240 0.50 16.08 -29.49
CA ARG C 240 1.56 16.42 -30.38
C ARG C 240 2.58 17.29 -29.71
N PRO C 241 3.80 17.29 -30.25
CA PRO C 241 4.86 18.19 -29.73
C PRO C 241 4.49 19.68 -29.87
N PHE C 242 5.06 20.52 -29.03
CA PHE C 242 4.70 21.92 -29.06
C PHE C 242 5.80 22.71 -28.39
N ARG C 243 5.74 24.02 -28.55
CA ARG C 243 6.56 24.95 -27.76
C ARG C 243 5.67 26.04 -27.21
N LEU C 244 5.95 26.45 -25.99
CA LEU C 244 5.09 27.30 -25.24
C LEU C 244 5.71 28.71 -25.19
N ASP C 245 6.83 28.91 -25.90
CA ASP C 245 7.36 30.25 -26.11
C ASP C 245 6.91 30.83 -27.45
N ASP C 246 5.78 30.34 -27.99
CA ASP C 246 5.01 31.08 -28.97
C ASP C 246 3.55 30.91 -28.61
N TRP C 247 2.68 31.69 -29.21
CA TRP C 247 1.27 31.70 -28.83
C TRP C 247 0.54 30.36 -29.05
N LEU C 248 -0.23 29.98 -28.04
CA LEU C 248 -1.14 28.83 -28.11
C LEU C 248 -2.51 29.36 -27.78
N LEU C 249 -3.52 28.71 -28.31
CA LEU C 249 -4.89 29.05 -27.99
C LEU C 249 -5.51 27.99 -27.14
N TYR C 250 -6.19 28.42 -26.07
CA TYR C 250 -7.02 27.57 -25.25
C TYR C 250 -8.46 27.82 -25.63
N ALA C 251 -9.08 26.84 -26.28
CA ALA C 251 -10.46 26.91 -26.66
C ALA C 251 -11.22 26.10 -25.67
N VAL C 252 -11.86 26.78 -24.71
CA VAL C 252 -12.59 26.09 -23.65
C VAL C 252 -14.07 26.23 -23.80
N GLU C 253 -14.79 25.12 -23.54
CA GLU C 253 -16.25 25.07 -23.47
C GLU C 253 -16.77 24.42 -22.18
N SER C 254 -17.91 24.86 -21.70
CA SER C 254 -18.62 24.13 -20.66
C SER C 254 -19.91 23.57 -21.24
N THR C 255 -19.90 22.27 -21.49
CA THR C 255 -20.99 21.55 -22.06
C THR C 255 -22.04 21.26 -21.04
N SER C 256 -21.73 21.42 -19.75
CA SER C 256 -22.76 21.08 -18.77
C SER C 256 -22.50 21.60 -17.38
N ALA C 257 -23.57 21.82 -16.63
CA ALA C 257 -23.52 22.04 -15.19
C ALA C 257 -24.77 21.45 -14.55
N SER C 258 -24.61 20.76 -13.43
CA SER C 258 -25.72 20.16 -12.77
C SER C 258 -25.22 19.65 -11.44
N GLY C 259 -26.12 19.55 -10.49
CA GLY C 259 -25.83 18.94 -9.20
C GLY C 259 -24.79 19.61 -8.37
N ALA C 260 -24.61 20.91 -8.56
CA ALA C 260 -23.53 21.70 -7.92
C ALA C 260 -22.12 21.35 -8.49
N ARG C 261 -22.12 20.82 -9.72
CA ARG C 261 -20.94 20.57 -10.50
C ARG C 261 -21.01 21.33 -11.81
N GLY C 262 -19.82 21.69 -12.26
CA GLY C 262 -19.63 22.35 -13.55
C GLY C 262 -18.59 21.56 -14.35
N PHE C 263 -18.81 21.44 -15.65
CA PHE C 263 -17.99 20.54 -16.49
C PHE C 263 -17.41 21.31 -17.67
N VAL C 264 -16.10 21.17 -17.87
CA VAL C 264 -15.42 21.85 -18.94
C VAL C 264 -14.54 20.92 -19.77
N ARG C 265 -14.52 21.18 -21.07
CA ARG C 265 -13.63 20.50 -21.97
C ARG C 265 -12.77 21.52 -22.64
N GLY C 266 -11.50 21.19 -22.80
CA GLY C 266 -10.60 22.11 -23.42
C GLY C 266 -9.80 21.51 -24.53
N GLN C 267 -9.44 22.40 -25.46
CA GLN C 267 -8.57 22.04 -26.58
C GLN C 267 -7.55 23.16 -26.77
N ILE C 268 -6.30 22.77 -27.03
CA ILE C 268 -5.18 23.72 -27.10
C ILE C 268 -4.52 23.62 -28.48
N TYR C 269 -4.51 24.73 -29.21
CA TYR C 269 -3.95 24.80 -30.56
C TYR C 269 -2.78 25.74 -30.59
N ASN C 270 -1.81 25.42 -31.44
CA ASN C 270 -0.77 26.40 -31.72
C ASN C 270 -1.23 27.37 -32.81
N ARG C 271 -0.43 28.36 -33.11
CA ARG C 271 -0.88 29.45 -33.98
C ARG C 271 -1.15 29.01 -35.43
N GLU C 272 -0.57 27.89 -35.84
CA GLU C 272 -0.77 27.38 -37.17
C GLU C 272 -1.94 26.40 -37.21
N GLY C 273 -2.67 26.25 -36.11
CA GLY C 273 -3.89 25.42 -36.08
C GLY C 273 -3.65 23.99 -35.65
N VAL C 274 -2.43 23.65 -35.27
CA VAL C 274 -2.15 22.26 -34.86
C VAL C 274 -2.72 21.95 -33.47
N LEU C 275 -3.53 20.89 -33.38
CA LEU C 275 -4.12 20.51 -32.12
C LEU C 275 -3.07 19.81 -31.29
N VAL C 276 -2.76 20.39 -30.15
CA VAL C 276 -1.63 19.98 -29.36
C VAL C 276 -2.08 19.16 -28.17
N ALA C 277 -3.14 19.56 -27.50
CA ALA C 277 -3.59 18.88 -26.29
C ALA C 277 -5.08 19.06 -26.12
N SER C 278 -5.64 18.13 -25.36
CA SER C 278 -6.98 18.24 -24.92
C SER C 278 -7.03 18.11 -23.41
N THR C 279 -8.04 18.72 -22.81
CA THR C 279 -8.22 18.69 -21.35
C THR C 279 -9.68 18.54 -20.98
N VAL C 280 -9.94 17.89 -19.85
CA VAL C 280 -11.29 17.79 -19.28
C VAL C 280 -11.19 17.98 -17.78
N GLN C 281 -12.03 18.86 -17.25
CA GLN C 281 -12.15 19.06 -15.81
C GLN C 281 -13.59 19.17 -15.37
N GLU C 282 -13.86 18.62 -14.18
CA GLU C 282 -15.05 18.90 -13.42
C GLU C 282 -14.72 19.49 -12.04
N GLY C 283 -15.49 20.51 -11.63
CA GLY C 283 -15.35 21.12 -10.32
C GLY C 283 -16.66 21.39 -9.61
N VAL C 284 -16.56 21.72 -8.34
CA VAL C 284 -17.73 22.17 -7.58
C VAL C 284 -18.03 23.63 -7.96
N ILE C 285 -19.31 23.96 -8.15
CA ILE C 285 -19.73 25.37 -8.30
C ILE C 285 -20.99 25.59 -7.50
N ARG C 286 -20.93 26.50 -6.54
CA ARG C 286 -21.98 26.62 -5.56
C ARG C 286 -22.00 28.03 -5.02
N LEU C 287 -23.17 28.69 -5.10
CA LEU C 287 -23.33 30.05 -4.64
C LEU C 287 -24.03 29.95 -3.32
N HIS C 288 -23.36 30.43 -2.27
CA HIS C 288 -23.90 30.54 -0.90
C HIS C 288 -23.23 31.72 -0.17
N SER D 5 31.19 13.59 25.06
CA SER D 5 32.26 13.11 24.12
C SER D 5 31.87 13.16 22.64
N GLN D 6 32.86 12.87 21.77
CA GLN D 6 32.86 13.21 20.33
C GLN D 6 32.10 12.21 19.49
N ALA D 7 32.61 10.98 19.46
CA ALA D 7 31.98 9.90 18.71
C ALA D 7 30.53 9.66 19.16
N LEU D 8 30.28 9.83 20.46
CA LEU D 8 28.95 9.66 20.98
C LEU D 8 28.10 10.77 20.44
N GLU D 9 28.62 11.99 20.43
CA GLU D 9 27.86 13.15 20.00
C GLU D 9 27.43 13.06 18.54
N LYS D 10 28.25 12.44 17.71
CA LYS D 10 27.91 12.33 16.30
C LYS D 10 26.91 11.20 16.04
N LEU D 11 26.96 10.14 16.86
CA LEU D 11 25.94 9.09 16.77
C LEU D 11 24.59 9.63 17.16
N LEU D 12 24.49 10.27 18.30
CA LEU D 12 23.21 10.80 18.74
C LEU D 12 22.58 11.73 17.72
N ASP D 13 23.39 12.59 17.10
CA ASP D 13 22.88 13.49 16.05
C ASP D 13 22.42 12.67 14.82
N LEU D 14 23.15 11.63 14.50
CA LEU D 14 22.86 10.80 13.34
C LEU D 14 21.64 9.87 13.58
N LEU D 15 21.16 9.84 14.81
CA LEU D 15 19.90 9.18 15.18
C LEU D 15 18.78 10.17 15.40
N ASP D 16 19.08 11.46 15.40
CA ASP D 16 18.05 12.50 15.30
C ASP D 16 17.80 12.77 13.81
N LEU D 17 16.65 12.27 13.32
CA LEU D 17 16.38 12.22 11.88
C LEU D 17 15.85 13.50 11.30
N GLU D 18 16.23 13.75 10.04
CA GLU D 18 15.68 14.87 9.24
C GLU D 18 14.21 14.56 8.87
N LYS D 19 13.28 15.35 9.37
CA LYS D 19 11.87 15.23 9.01
C LYS D 19 11.58 15.81 7.62
N ILE D 20 11.15 14.94 6.71
CA ILE D 20 10.70 15.32 5.37
C ILE D 20 9.20 15.59 5.34
N GLU D 21 8.44 14.75 6.03
CA GLU D 21 7.00 14.95 6.14
C GLU D 21 6.50 14.22 7.38
N GLU D 22 5.20 14.23 7.63
CA GLU D 22 4.67 13.42 8.72
C GLU D 22 4.89 11.97 8.32
N GLY D 23 5.68 11.22 9.06
CA GLY D 23 5.89 9.82 8.75
C GLY D 23 6.91 9.57 7.66
N ILE D 24 7.63 10.60 7.29
CA ILE D 24 8.73 10.41 6.36
C ILE D 24 9.94 11.10 6.95
N PHE D 25 11.04 10.36 7.04
CA PHE D 25 12.24 10.88 7.70
C PHE D 25 13.47 10.52 6.89
N ARG D 26 14.50 11.35 6.96
CA ARG D 26 15.76 11.01 6.29
C ARG D 26 16.94 10.86 7.27
N GLY D 27 17.66 9.78 7.14
CA GLY D 27 18.77 9.53 8.02
C GLY D 27 20.04 9.39 7.25
N GLN D 28 21.10 9.98 7.81
CA GLN D 28 22.45 9.80 7.26
C GLN D 28 23.01 8.47 7.76
N SER D 29 23.77 7.80 6.92
CA SER D 29 24.58 6.69 7.38
C SER D 29 25.96 7.14 7.90
N GLU D 30 26.65 6.25 8.63
CA GLU D 30 27.92 6.60 9.26
C GLU D 30 29.03 6.42 8.22
N GLN D 36 29.11 -1.28 3.74
CA GLN D 36 27.67 -1.39 4.05
C GLN D 36 27.27 -0.92 5.47
N VAL D 37 26.00 -0.52 5.60
CA VAL D 37 25.50 0.08 6.84
C VAL D 37 25.61 -0.91 8.00
N PHE D 38 25.74 -0.38 9.20
CA PHE D 38 25.68 -1.23 10.36
C PHE D 38 24.18 -1.51 10.69
N GLY D 39 23.80 -2.78 10.88
CA GLY D 39 22.41 -3.10 11.32
C GLY D 39 21.85 -2.16 12.39
N GLY D 40 22.63 -1.94 13.46
CA GLY D 40 22.17 -1.12 14.57
C GLY D 40 21.75 0.28 14.20
N GLN D 41 22.28 0.80 13.10
CA GLN D 41 22.02 2.19 12.73
C GLN D 41 20.61 2.27 12.19
N VAL D 42 20.34 1.35 11.29
CA VAL D 42 19.02 1.24 10.69
C VAL D 42 18.01 0.99 11.78
N VAL D 43 18.31 0.04 12.65
CA VAL D 43 17.40 -0.29 13.75
C VAL D 43 17.13 0.93 14.54
N GLY D 44 18.19 1.63 14.97
CA GLY D 44 18.03 2.77 15.90
C GLY D 44 17.28 3.88 15.22
N GLN D 45 17.58 4.05 13.94
CA GLN D 45 16.90 5.12 13.17
C GLN D 45 15.41 4.85 12.99
N ALA D 46 15.09 3.60 12.71
CA ALA D 46 13.71 3.17 12.50
C ALA D 46 12.89 3.42 13.74
N ILE D 47 13.49 3.23 14.90
CA ILE D 47 12.81 3.48 16.15
C ILE D 47 12.49 4.97 16.31
N TYR D 48 13.43 5.85 15.97
CA TYR D 48 13.15 7.29 15.98
C TYR D 48 11.94 7.60 15.08
N ALA D 49 12.05 7.20 13.82
CA ALA D 49 10.96 7.35 12.83
C ALA D 49 9.58 7.06 13.43
N ALA D 50 9.42 5.85 13.95
CA ALA D 50 8.14 5.37 14.51
C ALA D 50 7.68 6.17 15.70
N LYS D 51 8.61 6.44 16.61
CA LYS D 51 8.30 7.19 17.85
C LYS D 51 7.80 8.60 17.54
N GLN D 52 8.27 9.18 16.46
CA GLN D 52 7.75 10.51 16.08
C GLN D 52 6.25 10.53 15.79
N THR D 53 5.67 9.40 15.38
CA THR D 53 4.23 9.33 14.96
C THR D 53 3.27 8.83 16.03
N VAL D 54 3.74 8.79 17.28
CA VAL D 54 3.05 8.13 18.34
C VAL D 54 2.65 9.14 19.38
N PRO D 55 1.53 8.91 20.06
CA PRO D 55 1.19 9.76 21.18
C PRO D 55 2.34 9.86 22.18
N ALA D 56 2.52 11.07 22.72
CA ALA D 56 3.66 11.46 23.54
C ALA D 56 4.01 10.45 24.61
N GLU D 57 3.01 10.06 25.39
CA GLU D 57 3.23 9.19 26.55
C GLU D 57 3.62 7.72 26.18
N ARG D 58 3.18 7.24 25.02
CA ARG D 58 3.47 5.85 24.64
C ARG D 58 4.92 5.67 24.23
N THR D 59 5.67 4.83 24.98
CA THR D 59 7.04 4.46 24.59
C THR D 59 7.15 3.01 24.12
N VAL D 60 8.18 2.78 23.33
CA VAL D 60 8.36 1.52 22.65
C VAL D 60 8.57 0.39 23.66
N HIS D 61 7.87 -0.74 23.45
CA HIS D 61 8.05 -1.85 24.32
C HIS D 61 8.50 -3.03 23.53
N SER D 62 8.32 -2.98 22.21
CA SER D 62 8.76 -4.06 21.35
C SER D 62 8.87 -3.65 19.91
N PHE D 63 9.68 -4.41 19.18
CA PHE D 63 9.67 -4.33 17.71
C PHE D 63 10.17 -5.59 17.11
N HIS D 64 9.83 -5.80 15.84
CA HIS D 64 10.35 -6.89 15.04
C HIS D 64 10.88 -6.28 13.72
N SER D 65 11.93 -6.85 13.13
CA SER D 65 12.45 -6.36 11.88
C SER D 65 13.02 -7.47 11.05
N TYR D 66 12.94 -7.25 9.73
CA TYR D 66 13.65 -8.07 8.76
C TYR D 66 14.61 -7.25 7.89
N PHE D 67 15.73 -7.85 7.52
CA PHE D 67 16.69 -7.20 6.63
C PHE D 67 16.55 -7.84 5.29
N LEU D 68 16.22 -7.03 4.28
CA LEU D 68 16.01 -7.53 2.93
C LEU D 68 17.22 -7.36 2.02
N ARG D 69 17.88 -6.21 2.14
CA ARG D 69 18.98 -5.89 1.23
C ARG D 69 20.11 -5.23 2.03
N PRO D 70 21.36 -5.41 1.59
CA PRO D 70 22.44 -4.63 2.23
C PRO D 70 22.30 -3.11 2.02
N GLY D 71 22.45 -2.35 3.10
CA GLY D 71 22.34 -0.91 3.02
C GLY D 71 23.67 -0.28 2.61
N ASP D 72 23.66 0.44 1.48
CA ASP D 72 24.80 1.21 1.00
C ASP D 72 25.14 2.36 1.94
N SER D 73 26.31 2.27 2.59
CA SER D 73 26.71 3.25 3.62
C SER D 73 27.07 4.59 3.07
N SER D 74 27.24 4.71 1.76
CA SER D 74 27.59 5.98 1.16
C SER D 74 26.39 6.92 1.02
N LYS D 75 25.19 6.34 0.91
CA LYS D 75 23.95 7.10 0.71
C LYS D 75 23.07 7.18 1.94
N PRO D 76 22.20 8.20 2.01
CA PRO D 76 21.22 8.25 3.08
C PRO D 76 20.08 7.19 2.94
N ILE D 77 19.19 7.13 3.94
CA ILE D 77 18.13 6.14 3.99
C ILE D 77 16.86 6.89 4.29
N ILE D 78 15.76 6.53 3.61
CA ILE D 78 14.44 7.12 3.93
C ILE D 78 13.60 6.14 4.77
N TYR D 79 12.97 6.67 5.80
CA TYR D 79 12.15 5.89 6.67
C TYR D 79 10.74 6.37 6.49
N ASP D 80 9.92 5.49 5.90
CA ASP D 80 8.51 5.77 5.73
C ASP D 80 7.75 5.08 6.88
N VAL D 81 6.77 5.73 7.49
CA VAL D 81 6.06 5.12 8.60
C VAL D 81 4.57 5.00 8.35
N GLU D 82 4.06 3.77 8.34
CA GLU D 82 2.62 3.51 8.34
C GLU D 82 2.08 3.41 9.75
N THR D 83 0.96 4.07 9.98
CA THR D 83 0.20 3.98 11.20
C THR D 83 -0.75 2.79 11.13
N LEU D 84 -0.51 1.76 11.95
CA LEU D 84 -1.24 0.53 11.95
C LEU D 84 -2.43 0.50 12.86
N ARG D 85 -2.27 1.01 14.08
CA ARG D 85 -3.37 1.02 15.06
C ARG D 85 -3.06 1.92 16.22
N ASP D 86 -4.08 2.57 16.74
CA ASP D 86 -3.98 3.32 17.94
C ASP D 86 -5.08 2.82 18.82
N GLY D 87 -4.73 1.98 19.82
CA GLY D 87 -5.68 1.36 20.71
C GLY D 87 -5.84 2.09 22.03
N ASN D 88 -6.62 1.50 22.94
CA ASN D 88 -6.76 2.09 24.28
C ASN D 88 -5.44 2.36 25.02
N SER D 89 -4.43 1.54 24.78
CA SER D 89 -3.13 1.66 25.42
C SER D 89 -1.95 1.49 24.45
N PHE D 90 -2.14 0.68 23.42
CA PHE D 90 -1.08 0.36 22.48
C PHE D 90 -1.21 1.03 21.14
N SER D 91 -0.08 1.51 20.61
CA SER D 91 0.03 2.02 19.26
C SER D 91 1.07 1.22 18.48
N ALA D 92 0.79 0.89 17.23
CA ALA D 92 1.69 0.08 16.39
C ALA D 92 1.98 0.77 15.09
N ARG D 93 3.25 0.74 14.64
CA ARG D 93 3.66 1.41 13.43
C ARG D 93 4.55 0.47 12.64
N ARG D 94 4.56 0.61 11.32
CA ARG D 94 5.53 -0.14 10.48
C ARG D 94 6.41 0.83 9.67
N VAL D 95 7.71 0.67 9.84
CA VAL D 95 8.69 1.54 9.24
C VAL D 95 9.26 0.78 8.07
N SER D 96 9.34 1.43 6.90
CA SER D 96 10.08 0.84 5.78
C SER D 96 11.29 1.71 5.56
N ALA D 97 12.48 1.12 5.57
CA ALA D 97 13.71 1.85 5.25
C ALA D 97 14.02 1.70 3.77
N ILE D 98 14.04 2.82 3.07
CA ILE D 98 14.19 2.76 1.63
C ILE D 98 15.52 3.32 1.12
N GLN D 99 16.18 2.57 0.25
CA GLN D 99 17.35 3.04 -0.51
C GLN D 99 17.32 2.55 -1.93
N ASN D 100 17.75 3.43 -2.84
CA ASN D 100 17.78 3.16 -4.26
C ASN D 100 16.43 2.66 -4.76
N GLY D 101 15.39 3.34 -4.31
CA GLY D 101 14.03 2.96 -4.67
C GLY D 101 13.56 1.59 -4.23
N LYS D 102 14.25 0.97 -3.26
CA LYS D 102 13.89 -0.37 -2.79
C LYS D 102 13.88 -0.47 -1.27
N PRO D 103 13.07 -1.40 -0.75
CA PRO D 103 13.09 -1.60 0.67
C PRO D 103 14.30 -2.44 1.04
N ILE D 104 15.09 -1.94 1.98
CA ILE D 104 16.20 -2.73 2.51
C ILE D 104 15.81 -3.37 3.83
N PHE D 105 14.76 -2.87 4.48
CA PHE D 105 14.44 -3.25 5.86
C PHE D 105 13.03 -2.82 6.24
N TYR D 106 12.39 -3.67 7.03
CA TYR D 106 11.04 -3.42 7.56
C TYR D 106 11.03 -3.66 9.05
N MET D 107 10.48 -2.74 9.80
CA MET D 107 10.26 -2.94 11.21
C MET D 107 8.81 -2.64 11.56
N THR D 108 8.19 -3.51 12.36
CA THR D 108 6.98 -3.15 13.06
C THR D 108 7.23 -3.01 14.55
N ALA D 109 6.69 -1.95 15.13
CA ALA D 109 6.96 -1.60 16.52
C ALA D 109 5.76 -1.19 17.29
N SER D 110 5.78 -1.47 18.58
CA SER D 110 4.63 -1.21 19.43
C SER D 110 4.93 -0.31 20.60
N PHE D 111 4.05 0.61 20.84
CA PHE D 111 4.27 1.58 21.88
C PHE D 111 3.17 1.49 22.89
N GLN D 112 3.54 1.59 24.18
CA GLN D 112 2.57 1.60 25.27
C GLN D 112 2.73 2.67 26.33
N SER D 113 1.62 3.09 26.93
CA SER D 113 1.65 3.84 28.20
C SER D 113 2.34 3.08 29.33
N GLN D 114 3.18 3.79 30.11
CA GLN D 114 3.83 3.20 31.30
C GLN D 114 2.77 3.05 32.39
N GLU D 115 2.72 1.85 32.96
CA GLU D 115 1.61 1.39 33.74
C GLU D 115 2.17 0.41 34.74
N GLU D 116 1.48 0.24 35.87
CA GLU D 116 1.95 -0.63 36.92
C GLU D 116 1.31 -1.98 36.75
N GLY D 117 2.12 -3.02 36.86
CA GLY D 117 1.55 -4.36 36.76
C GLY D 117 2.39 -5.38 37.47
N PHE D 118 2.01 -6.64 37.33
CA PHE D 118 2.84 -7.70 37.84
C PHE D 118 4.34 -7.59 37.44
N GLU D 119 5.20 -7.88 38.43
CA GLU D 119 6.66 -7.82 38.24
C GLU D 119 7.36 -9.10 38.59
N HIS D 120 8.15 -9.62 37.67
CA HIS D 120 9.12 -10.64 37.99
C HIS D 120 10.19 -10.60 36.92
N GLN D 121 11.31 -11.26 37.18
CA GLN D 121 12.37 -11.39 36.17
C GLN D 121 13.27 -12.56 36.52
N ASN D 122 14.00 -13.07 35.53
CA ASN D 122 14.99 -14.09 35.79
C ASN D 122 16.23 -13.42 36.45
N THR D 123 17.34 -14.13 36.53
CA THR D 123 18.52 -13.64 37.25
C THR D 123 19.70 -13.46 36.33
N MET D 124 20.32 -12.29 36.46
CA MET D 124 21.54 -11.92 35.69
C MET D 124 22.62 -12.95 35.91
N PRO D 125 23.28 -13.41 34.83
CA PRO D 125 24.40 -14.35 34.86
C PRO D 125 25.52 -13.88 35.77
N ASP D 126 26.26 -14.82 36.36
CA ASP D 126 27.34 -14.45 37.27
C ASP D 126 28.60 -14.22 36.43
N VAL D 127 28.94 -12.94 36.25
CA VAL D 127 30.11 -12.57 35.44
C VAL D 127 30.99 -11.62 36.23
N PRO D 128 32.25 -11.48 35.79
CA PRO D 128 33.09 -10.47 36.43
C PRO D 128 32.46 -9.09 36.29
N PRO D 129 32.55 -8.28 37.33
CA PRO D 129 32.03 -6.93 37.23
C PRO D 129 32.81 -6.09 36.17
N PRO D 130 32.21 -4.99 35.68
CA PRO D 130 32.85 -4.21 34.65
C PRO D 130 34.06 -3.38 35.10
N GLU D 131 34.20 -3.16 36.40
CA GLU D 131 35.23 -2.22 36.88
C GLU D 131 36.62 -2.79 36.70
N GLY D 132 36.78 -4.11 36.82
CA GLY D 132 38.09 -4.74 36.67
C GLY D 132 38.49 -4.89 35.21
N LEU D 133 37.51 -4.78 34.30
CA LEU D 133 37.70 -5.22 32.94
C LEU D 133 38.35 -4.16 32.04
N MET D 134 39.13 -4.63 31.08
CA MET D 134 39.69 -3.75 30.06
C MET D 134 38.62 -3.49 29.00
N SER D 135 38.61 -2.25 28.47
CA SER D 135 37.77 -1.91 27.33
C SER D 135 38.38 -2.51 26.07
N GLU D 136 37.62 -2.53 24.99
CA GLU D 136 38.09 -3.10 23.73
C GLU D 136 39.17 -2.23 23.09
N THR D 137 39.10 -0.92 23.32
CA THR D 137 40.12 -0.03 22.86
C THR D 137 41.39 -0.27 23.69
N ASP D 138 41.23 -0.56 24.98
CA ASP D 138 42.38 -0.89 25.84
C ASP D 138 43.10 -2.08 25.25
N ILE D 139 42.32 -3.14 25.02
CA ILE D 139 42.85 -4.41 24.52
C ILE D 139 43.55 -4.18 23.21
N ALA D 140 42.99 -3.28 22.39
CA ALA D 140 43.54 -3.01 21.06
C ALA D 140 45.04 -2.65 21.08
N ARG D 141 45.48 -1.94 22.12
CA ARG D 141 46.91 -1.57 22.23
C ARG D 141 47.74 -2.66 22.90
N GLN D 142 47.14 -3.35 23.86
CA GLN D 142 47.76 -4.49 24.51
C GLN D 142 47.42 -5.81 23.82
N GLY D 157 40.23 4.62 16.63
CA GLY D 157 39.71 5.84 17.25
C GLY D 157 38.66 5.56 18.31
N PRO D 158 38.21 6.62 19.04
CA PRO D 158 37.17 6.51 20.08
C PRO D 158 35.89 5.91 19.53
N GLN D 159 35.34 4.95 20.26
CA GLN D 159 34.06 4.34 19.93
C GLN D 159 32.94 5.13 20.66
N PRO D 160 31.74 5.17 20.05
CA PRO D 160 30.67 5.92 20.70
C PRO D 160 30.19 5.19 21.96
N ILE D 161 30.34 3.87 21.94
CA ILE D 161 29.97 3.02 23.07
C ILE D 161 31.19 2.26 23.53
N GLU D 162 31.46 2.32 24.83
CA GLU D 162 32.62 1.61 25.39
C GLU D 162 32.25 0.18 25.66
N MET D 163 32.99 -0.76 25.14
CA MET D 163 32.77 -2.18 25.34
C MET D 163 33.83 -2.87 26.24
N ARG D 164 33.42 -3.50 27.35
CA ARG D 164 34.30 -4.31 28.19
C ARG D 164 33.91 -5.76 28.16
N PRO D 165 34.52 -6.53 27.26
CA PRO D 165 34.11 -7.88 27.10
C PRO D 165 34.64 -8.77 28.23
N VAL D 166 33.79 -9.67 28.73
CA VAL D 166 34.22 -10.73 29.60
C VAL D 166 35.26 -11.56 28.88
N LYS D 167 35.04 -11.82 27.60
CA LYS D 167 36.02 -12.55 26.80
C LYS D 167 36.07 -11.97 25.39
N PHE D 168 37.23 -11.42 25.03
CA PHE D 168 37.44 -10.78 23.72
C PHE D 168 37.70 -11.83 22.64
N HIS D 169 36.98 -11.72 21.53
CA HIS D 169 37.12 -12.67 20.45
C HIS D 169 37.86 -12.04 19.31
N ASN D 170 38.56 -12.88 18.55
CA ASN D 170 39.34 -12.41 17.42
C ASN D 170 38.58 -12.71 16.13
N PRO D 171 38.05 -11.67 15.49
CA PRO D 171 37.22 -11.83 14.30
C PRO D 171 37.88 -12.57 13.16
N LEU D 172 39.19 -12.79 13.23
CA LEU D 172 39.95 -13.50 12.20
C LEU D 172 40.45 -14.85 12.66
N GLN D 173 40.49 -15.04 13.97
CA GLN D 173 40.86 -16.32 14.56
C GLN D 173 39.74 -16.78 15.46
N GLY D 174 39.08 -17.86 15.09
CA GLY D 174 38.15 -18.49 15.98
C GLY D 174 38.80 -19.70 16.62
N SER D 175 38.32 -20.06 17.80
CA SER D 175 38.61 -21.36 18.38
C SER D 175 37.34 -21.87 19.02
N VAL D 176 37.22 -23.18 19.17
CA VAL D 176 36.00 -23.79 19.70
C VAL D 176 35.72 -23.30 21.09
N GLU D 177 34.60 -22.56 21.21
CA GLU D 177 34.15 -21.95 22.45
C GLU D 177 32.64 -22.30 22.66
N GLU D 178 32.16 -22.20 23.89
CA GLU D 178 30.76 -22.39 24.18
C GLU D 178 29.99 -21.21 23.57
N PRO D 179 28.76 -21.48 23.05
CA PRO D 179 27.89 -20.49 22.39
C PRO D 179 27.29 -19.45 23.34
N ASN D 180 28.14 -18.77 24.11
CA ASN D 180 27.74 -17.77 25.06
C ASN D 180 28.74 -16.65 24.98
N ARG D 181 28.31 -15.41 25.19
CA ARG D 181 29.16 -14.23 25.16
C ARG D 181 28.57 -13.18 26.09
N TYR D 182 29.44 -12.43 26.78
CA TYR D 182 28.99 -11.49 27.81
C TYR D 182 29.78 -10.23 27.64
N VAL D 183 29.11 -9.11 27.35
CA VAL D 183 29.81 -7.87 27.17
C VAL D 183 29.21 -6.75 27.98
N TRP D 184 30.01 -6.10 28.84
CA TRP D 184 29.56 -4.87 29.50
C TRP D 184 29.71 -3.72 28.50
N PHE D 185 28.76 -2.80 28.50
CA PHE D 185 28.84 -1.62 27.65
C PHE D 185 28.21 -0.41 28.29
N ARG D 186 28.65 0.75 27.79
CA ARG D 186 28.22 2.04 28.31
C ARG D 186 28.39 3.07 27.21
N ALA D 187 27.57 4.11 27.27
CA ALA D 187 27.74 5.26 26.42
C ALA D 187 29.00 6.02 26.83
N ASN D 188 29.91 6.19 25.89
CA ASN D 188 31.11 7.04 26.07
C ASN D 188 30.79 8.53 26.14
N GLY D 189 30.11 8.95 27.20
CA GLY D 189 29.71 10.34 27.32
C GLY D 189 28.46 10.43 28.17
N LYS D 190 28.11 11.64 28.56
CA LYS D 190 26.95 11.86 29.41
C LYS D 190 25.79 12.04 28.44
N MET D 191 24.65 11.41 28.76
CA MET D 191 23.48 11.40 27.87
C MET D 191 22.38 12.28 28.41
N PRO D 192 21.41 12.62 27.56
CA PRO D 192 20.29 13.44 28.00
C PRO D 192 19.37 12.67 28.93
N ASP D 193 18.58 13.39 29.73
CA ASP D 193 17.50 12.80 30.50
C ASP D 193 16.28 12.67 29.60
N ASP D 194 16.36 11.74 28.68
CA ASP D 194 15.27 11.51 27.74
C ASP D 194 15.30 10.04 27.39
N LEU D 195 14.44 9.26 28.04
CA LEU D 195 14.39 7.80 27.81
C LEU D 195 14.38 7.45 26.32
N ARG D 196 13.71 8.26 25.49
CA ARG D 196 13.58 7.92 24.05
C ARG D 196 14.96 7.75 23.41
N VAL D 197 15.87 8.68 23.73
CA VAL D 197 17.23 8.66 23.18
C VAL D 197 17.99 7.44 23.72
N HIS D 198 17.82 7.13 25.00
CA HIS D 198 18.49 5.95 25.54
C HIS D 198 18.00 4.70 24.81
N GLN D 199 16.70 4.66 24.54
CA GLN D 199 16.11 3.57 23.75
C GLN D 199 16.65 3.47 22.31
N TYR D 200 16.69 4.55 21.57
CA TYR D 200 17.28 4.49 20.20
C TYR D 200 18.70 3.90 20.28
N LEU D 201 19.47 4.43 21.22
CA LEU D 201 20.85 3.99 21.40
C LEU D 201 20.95 2.53 21.79
N LEU D 202 20.10 2.08 22.73
CA LEU D 202 20.05 0.66 23.06
C LEU D 202 19.68 -0.15 21.85
N GLY D 203 18.80 0.39 21.02
CA GLY D 203 18.47 -0.28 19.79
C GLY D 203 19.69 -0.51 18.92
N TYR D 204 20.42 0.58 18.70
CA TYR D 204 21.73 0.55 18.02
C TYR D 204 22.67 -0.46 18.65
N ALA D 205 22.82 -0.39 19.97
CA ALA D 205 23.82 -1.22 20.65
C ALA D 205 23.55 -2.70 20.54
N SER D 206 22.26 -3.05 20.47
CA SER D 206 21.82 -4.44 20.50
C SER D 206 22.32 -5.24 19.31
N ASP D 207 22.80 -4.55 18.28
CA ASP D 207 23.32 -5.33 17.14
C ASP D 207 24.82 -5.67 17.23
N PHE D 208 25.46 -5.23 18.31
CA PHE D 208 26.88 -5.54 18.59
C PHE D 208 27.05 -6.75 19.48
N ASN D 209 28.02 -7.58 19.15
CA ASN D 209 28.38 -8.78 19.93
C ASN D 209 27.19 -9.67 20.08
N PHE D 210 26.59 -10.01 18.93
CA PHE D 210 25.35 -10.80 18.89
C PHE D 210 25.52 -11.97 17.93
N LEU D 211 25.13 -11.80 16.66
CA LEU D 211 25.08 -12.93 15.72
C LEU D 211 26.40 -13.72 15.68
N PRO D 212 27.56 -13.03 15.82
CA PRO D 212 28.81 -13.79 15.83
C PRO D 212 28.90 -14.85 16.92
N THR D 213 28.17 -14.68 18.02
CA THR D 213 28.13 -15.74 19.05
C THR D 213 27.77 -17.09 18.48
N ALA D 214 26.97 -17.11 17.42
CA ALA D 214 26.59 -18.36 16.81
C ALA D 214 27.74 -19.13 16.22
N LEU D 215 28.83 -18.45 15.88
CA LEU D 215 30.03 -19.09 15.28
C LEU D 215 30.98 -19.78 16.31
N GLN D 216 30.82 -19.40 17.56
CA GLN D 216 31.72 -19.82 18.60
C GLN D 216 31.86 -21.33 18.69
N PRO D 217 30.76 -22.13 18.60
CA PRO D 217 30.96 -23.58 18.60
C PRO D 217 31.68 -24.16 17.38
N HIS D 218 32.21 -23.30 16.51
CA HIS D 218 32.68 -23.74 15.22
C HIS D 218 34.08 -23.21 14.92
N GLY D 219 34.69 -22.57 15.93
CA GLY D 219 36.06 -22.09 15.83
C GLY D 219 36.29 -21.31 14.56
N ILE D 220 35.40 -20.36 14.29
CA ILE D 220 35.52 -19.49 13.12
C ILE D 220 35.12 -18.07 13.52
N GLY D 221 35.96 -17.13 13.14
CA GLY D 221 35.72 -15.72 13.39
C GLY D 221 34.82 -15.20 12.29
N PHE D 222 34.14 -14.10 12.55
CA PHE D 222 33.11 -13.70 11.62
C PHE D 222 33.72 -13.06 10.39
N LEU D 223 34.76 -12.26 10.64
CA LEU D 223 35.58 -11.64 9.59
C LEU D 223 36.61 -12.57 8.96
N GLU D 224 36.49 -13.89 9.10
CA GLU D 224 37.39 -14.76 8.38
C GLU D 224 37.03 -14.77 6.90
N PRO D 225 38.01 -15.01 6.04
CA PRO D 225 37.76 -15.10 4.61
C PRO D 225 36.83 -16.24 4.25
N GLY D 226 35.81 -15.93 3.47
CA GLY D 226 34.87 -16.94 3.02
C GLY D 226 33.73 -17.13 4.00
N MET D 227 33.68 -16.32 5.04
CA MET D 227 32.62 -16.39 6.01
C MET D 227 31.54 -15.38 5.66
N GLN D 228 30.41 -15.87 5.15
CA GLN D 228 29.24 -15.04 4.88
C GLN D 228 28.34 -14.95 6.12
N ILE D 229 28.27 -13.77 6.71
CA ILE D 229 27.49 -13.57 7.93
C ILE D 229 26.64 -12.31 7.78
N ALA D 230 25.32 -12.48 7.80
CA ALA D 230 24.39 -11.35 7.60
C ALA D 230 23.11 -11.45 8.43
N THR D 231 22.73 -10.39 9.13
CA THR D 231 21.45 -10.41 9.85
C THR D 231 20.20 -10.63 8.96
N ILE D 232 19.41 -11.66 9.27
CA ILE D 232 18.09 -11.86 8.66
C ILE D 232 17.01 -11.02 9.35
N ASP D 233 16.83 -11.27 10.64
CA ASP D 233 15.87 -10.53 11.44
C ASP D 233 16.44 -10.14 12.76
N HIS D 234 15.87 -9.09 13.34
CA HIS D 234 16.24 -8.60 14.65
C HIS D 234 15.02 -8.11 15.42
N SER D 235 14.80 -8.66 16.61
CA SER D 235 13.64 -8.26 17.41
C SER D 235 14.04 -7.96 18.83
N MET D 236 13.34 -7.03 19.47
CA MET D 236 13.68 -6.62 20.79
C MET D 236 12.49 -6.24 21.63
N TRP D 237 12.61 -6.49 22.94
CA TRP D 237 11.60 -6.12 23.90
C TRP D 237 12.22 -5.25 25.00
N PHE D 238 11.65 -4.07 25.19
CA PHE D 238 12.10 -3.14 26.19
C PHE D 238 11.21 -3.35 27.45
N HIS D 239 11.66 -4.26 28.31
CA HIS D 239 10.89 -4.60 29.49
C HIS D 239 10.84 -3.47 30.44
N ARG D 240 11.95 -2.72 30.57
CA ARG D 240 12.10 -1.73 31.65
C ARG D 240 12.90 -0.48 31.29
N PRO D 241 12.63 0.64 31.98
CA PRO D 241 13.43 1.84 31.77
C PRO D 241 14.87 1.64 32.23
N PHE D 242 15.77 2.51 31.77
CA PHE D 242 17.23 2.31 31.99
C PHE D 242 18.03 3.55 31.57
N ARG D 243 19.32 3.58 31.90
CA ARG D 243 20.23 4.59 31.38
C ARG D 243 21.44 3.93 30.68
N LEU D 244 21.81 4.38 29.50
CA LEU D 244 22.97 3.82 28.82
C LEU D 244 24.28 4.48 29.24
N ASP D 245 24.22 5.56 30.02
CA ASP D 245 25.44 6.15 30.60
C ASP D 245 25.80 5.53 31.97
N ASP D 246 25.28 4.34 32.26
CA ASP D 246 25.82 3.50 33.31
C ASP D 246 25.92 2.12 32.72
N TRP D 247 26.67 1.25 33.36
CA TRP D 247 27.05 0.00 32.77
C TRP D 247 25.87 -0.98 32.57
N LEU D 248 25.89 -1.67 31.44
CA LEU D 248 24.86 -2.63 31.04
C LEU D 248 25.54 -3.89 30.60
N LEU D 249 24.97 -5.05 30.93
CA LEU D 249 25.55 -6.32 30.46
C LEU D 249 24.69 -6.91 29.37
N TYR D 250 25.32 -7.27 28.25
CA TYR D 250 24.65 -8.01 27.20
C TYR D 250 25.00 -9.47 27.32
N ALA D 251 24.02 -10.28 27.72
CA ALA D 251 24.24 -11.71 27.85
C ALA D 251 23.66 -12.46 26.69
N VAL D 252 24.54 -13.01 25.85
CA VAL D 252 24.17 -13.62 24.60
C VAL D 252 24.47 -15.08 24.59
N GLU D 253 23.49 -15.89 24.15
CA GLU D 253 23.69 -17.30 23.84
C GLU D 253 23.28 -17.56 22.42
N SER D 254 23.84 -18.59 21.82
CA SER D 254 23.35 -19.09 20.56
C SER D 254 22.78 -20.43 20.81
N THR D 255 21.47 -20.50 20.99
CA THR D 255 20.85 -21.79 21.27
C THR D 255 20.83 -22.69 20.09
N SER D 256 21.12 -22.20 18.89
CA SER D 256 21.07 -23.06 17.71
C SER D 256 21.80 -22.54 16.48
N ALA D 257 22.19 -23.48 15.62
CA ALA D 257 22.65 -23.20 14.26
C ALA D 257 22.32 -24.38 13.37
N SER D 258 21.77 -24.09 12.20
CA SER D 258 21.32 -25.14 11.30
C SER D 258 20.84 -24.57 9.95
N GLY D 259 20.87 -25.43 8.93
CA GLY D 259 20.60 -25.01 7.55
C GLY D 259 21.23 -23.71 7.08
N ALA D 260 22.47 -23.45 7.48
CA ALA D 260 23.21 -22.24 7.05
C ALA D 260 22.73 -20.99 7.75
N ARG D 261 21.97 -21.18 8.80
CA ARG D 261 21.61 -20.06 9.67
C ARG D 261 22.16 -20.31 11.06
N GLY D 262 22.18 -19.26 11.84
CA GLY D 262 22.57 -19.28 13.23
C GLY D 262 21.62 -18.39 14.01
N PHE D 263 21.33 -18.79 15.24
CA PHE D 263 20.26 -18.17 16.06
C PHE D 263 20.81 -17.76 17.39
N VAL D 264 20.53 -16.51 17.76
CA VAL D 264 20.96 -16.00 19.03
C VAL D 264 19.82 -15.37 19.78
N ARG D 265 19.94 -15.43 21.11
CA ARG D 265 19.05 -14.78 22.03
C ARG D 265 19.89 -13.96 22.96
N GLY D 266 19.44 -12.73 23.21
CA GLY D 266 20.12 -11.83 24.10
C GLY D 266 19.24 -11.34 25.23
N GLN D 267 19.89 -11.04 26.36
CA GLN D 267 19.23 -10.38 27.47
C GLN D 267 20.14 -9.30 27.98
N ILE D 268 19.58 -8.16 28.33
CA ILE D 268 20.34 -7.01 28.80
C ILE D 268 19.94 -6.62 30.22
N TYR D 269 20.91 -6.63 31.15
CA TYR D 269 20.68 -6.26 32.54
C TYR D 269 21.49 -4.98 32.87
N ASN D 270 20.96 -4.15 33.76
CA ASN D 270 21.75 -3.03 34.27
C ASN D 270 22.75 -3.52 35.36
N ARG D 271 23.53 -2.62 35.92
CA ARG D 271 24.61 -3.08 36.80
C ARG D 271 24.06 -3.71 38.07
N GLU D 272 22.81 -3.39 38.44
CA GLU D 272 22.21 -3.94 39.64
C GLU D 272 21.47 -5.25 39.38
N GLY D 273 21.55 -5.77 38.16
CA GLY D 273 20.88 -7.06 37.83
C GLY D 273 19.43 -6.97 37.33
N VAL D 274 18.90 -5.77 37.20
CA VAL D 274 17.57 -5.54 36.59
C VAL D 274 17.53 -5.91 35.08
N LEU D 275 16.59 -6.79 34.71
CA LEU D 275 16.45 -7.19 33.33
C LEU D 275 15.72 -6.09 32.60
N VAL D 276 16.36 -5.57 31.57
CA VAL D 276 15.89 -4.37 30.97
C VAL D 276 15.37 -4.57 29.54
N ALA D 277 15.93 -5.53 28.82
CA ALA D 277 15.53 -5.77 27.45
C ALA D 277 15.89 -7.15 27.01
N SER D 278 15.16 -7.68 26.06
CA SER D 278 15.56 -8.97 25.48
C SER D 278 15.62 -8.85 23.98
N THR D 279 16.43 -9.68 23.33
CA THR D 279 16.61 -9.61 21.90
C THR D 279 16.77 -10.94 21.27
N VAL D 280 16.42 -11.00 20.01
CA VAL D 280 16.54 -12.25 19.27
C VAL D 280 16.87 -11.97 17.81
N GLN D 281 17.82 -12.69 17.26
CA GLN D 281 18.21 -12.49 15.85
C GLN D 281 18.59 -13.79 15.26
N GLU D 282 18.18 -13.99 14.01
CA GLU D 282 18.67 -15.11 13.21
C GLU D 282 19.47 -14.51 12.01
N GLY D 283 20.47 -15.25 11.54
CA GLY D 283 21.41 -14.70 10.57
C GLY D 283 21.93 -15.74 9.64
N VAL D 284 22.50 -15.29 8.52
CA VAL D 284 23.17 -16.22 7.60
C VAL D 284 24.58 -16.46 8.16
N ILE D 285 25.02 -17.71 8.12
CA ILE D 285 26.41 -18.04 8.48
C ILE D 285 26.81 -19.18 7.58
N ARG D 286 27.61 -18.83 6.59
CA ARG D 286 27.92 -19.70 5.48
C ARG D 286 29.43 -19.60 5.19
N LEU D 287 30.04 -20.77 4.98
CA LEU D 287 31.47 -20.86 4.69
C LEU D 287 31.79 -21.11 3.21
N HIS D 288 32.20 -20.06 2.51
CA HIS D 288 32.61 -20.19 1.14
C HIS D 288 34.04 -20.75 1.05
#